data_6AIN
#
_entry.id   6AIN
#
_cell.length_a   54.433
_cell.length_b   77.177
_cell.length_c   210.242
_cell.angle_alpha   90.00
_cell.angle_beta   90.00
_cell.angle_gamma   90.00
#
_symmetry.space_group_name_H-M   'P 21 21 21'
#
loop_
_entity.id
_entity.type
_entity.pdbx_description
1 polymer PnpA
2 non-polymer 'FLAVIN-ADENINE DINUCLEOTIDE'
3 water water
#
_entity_poly.entity_id   1
_entity_poly.type   'polypeptide(L)'
_entity_poly.pdbx_seq_one_letter_code
;MGRDRRHKMETIEGVVVVGGGPVGLLTALKLGKAGVRVVVLESESGVSPSPRAVAYMPPTAAALDRFGLLDDIRKRAVWC
PDFAYRHGNGELIAKMDWAVLAQDTDYPYMLLLAQNHVSNVIVEHLRKLPNVEIRWNHKVEEIDQDDDYVTMETSGPAGK
ASLRAKWVAATDGARSTVRGKIGLTFDGITWSERLVATNVFYDFSLHGYSRANFVHDPVDWAVVVQLDKTGLWRVCYGED
PDISEAEVRRRLPERFKRLLPGAPTPDQYRVDYLNPYRVHQRCAAEFRRGRVILAGDAAHATNPMGGLGLSGGVLDAEHL
AEALIAVIKEGASTKVLDEYSVDRRKVFLEFTSPTATANFTWMKESDPAQRARDNAMFDHAGKDLKVMREILLDFEKLNG
RRVIAPRQHAPEHELVGA
;
_entity_poly.pdbx_strand_id   A,B
#
# COMPACT_ATOMS: atom_id res chain seq x y z
N MET A 9 -23.65 12.72 22.04
CA MET A 9 -23.64 11.65 21.00
C MET A 9 -24.98 11.56 20.24
N GLU A 10 -24.97 12.16 19.07
CA GLU A 10 -25.99 11.97 18.06
C GLU A 10 -26.24 10.48 17.80
N THR A 11 -27.50 10.11 17.76
CA THR A 11 -27.89 8.75 17.56
C THR A 11 -28.82 8.75 16.39
N ILE A 12 -28.68 7.78 15.50
CA ILE A 12 -29.54 7.69 14.34
C ILE A 12 -30.33 6.41 14.39
N GLU A 13 -31.63 6.54 14.56
CA GLU A 13 -32.51 5.38 14.55
C GLU A 13 -32.96 5.13 13.11
N GLY A 14 -32.01 4.59 12.36
CA GLY A 14 -32.13 4.38 10.92
C GLY A 14 -30.75 3.93 10.46
N VAL A 15 -30.34 4.35 9.27
CA VAL A 15 -29.17 3.80 8.63
C VAL A 15 -28.18 4.90 8.39
N VAL A 16 -26.90 4.59 8.51
CA VAL A 16 -25.87 5.48 8.04
C VAL A 16 -25.18 4.83 6.88
N VAL A 17 -25.09 5.57 5.78
CA VAL A 17 -24.47 5.10 4.54
C VAL A 17 -23.17 5.84 4.37
N VAL A 18 -22.09 5.08 4.27
CA VAL A 18 -20.75 5.62 4.26
C VAL A 18 -20.35 5.47 2.82
N GLY A 19 -20.25 6.60 2.14
CA GLY A 19 -19.83 6.64 0.76
C GLY A 19 -20.96 7.15 -0.12
N GLY A 20 -20.65 8.19 -0.88
CA GLY A 20 -21.63 8.85 -1.72
C GLY A 20 -21.32 8.69 -3.20
N GLY A 21 -20.85 7.50 -3.58
CA GLY A 21 -20.91 7.08 -4.95
C GLY A 21 -22.35 6.66 -5.26
N PRO A 22 -22.60 6.30 -6.52
CA PRO A 22 -23.96 5.94 -6.91
C PRO A 22 -24.52 4.83 -6.06
N VAL A 23 -23.69 3.88 -5.67
CA VAL A 23 -24.25 2.73 -4.94
C VAL A 23 -24.75 3.20 -3.57
N GLY A 24 -23.95 3.98 -2.86
CA GLY A 24 -24.40 4.57 -1.61
C GLY A 24 -25.66 5.42 -1.78
N LEU A 25 -25.66 6.27 -2.78
CA LEU A 25 -26.77 7.21 -2.96
C LEU A 25 -28.04 6.48 -3.30
N LEU A 26 -27.90 5.36 -4.00
CA LEU A 26 -29.09 4.65 -4.44
C LEU A 26 -29.71 3.95 -3.25
N THR A 27 -28.83 3.48 -2.40
CA THR A 27 -29.23 2.77 -1.24
C THR A 27 -30.02 3.70 -0.37
N ALA A 28 -29.44 4.86 -0.11
CA ALA A 28 -30.16 5.93 0.63
C ALA A 28 -31.47 6.31 -0.06
N LEU A 29 -31.47 6.35 -1.37
CA LEU A 29 -32.65 6.78 -2.08
C LEU A 29 -33.79 5.84 -1.76
N LYS A 30 -33.59 4.53 -1.90
CA LYS A 30 -34.72 3.58 -1.72
C LYS A 30 -35.13 3.47 -0.26
N LEU A 31 -34.15 3.51 0.64
CA LEU A 31 -34.46 3.57 2.08
C LEU A 31 -35.32 4.79 2.39
N GLY A 32 -34.90 5.93 1.86
CA GLY A 32 -35.49 7.21 2.20
C GLY A 32 -36.91 7.28 1.71
N LYS A 33 -37.13 6.74 0.52
CA LYS A 33 -38.46 6.67 -0.10
C LYS A 33 -39.41 5.81 0.75
N ALA A 34 -38.88 4.84 1.49
CA ALA A 34 -39.73 4.07 2.39
C ALA A 34 -39.88 4.66 3.79
N GLY A 35 -39.39 5.88 4.01
CA GLY A 35 -39.55 6.50 5.34
C GLY A 35 -38.42 6.25 6.34
N VAL A 36 -37.45 5.42 5.99
CA VAL A 36 -36.32 5.22 6.89
C VAL A 36 -35.44 6.47 6.98
N ARG A 37 -34.92 6.72 8.17
CA ARG A 37 -34.05 7.84 8.39
C ARG A 37 -32.66 7.45 7.97
N VAL A 38 -32.04 8.30 7.14
CA VAL A 38 -30.73 8.00 6.52
C VAL A 38 -29.79 9.18 6.62
N VAL A 39 -28.55 8.90 6.95
CA VAL A 39 -27.51 9.90 6.91
C VAL A 39 -26.42 9.34 6.04
N VAL A 40 -26.14 10.05 4.97
CA VAL A 40 -25.08 9.68 4.06
C VAL A 40 -23.81 10.44 4.40
N LEU A 41 -22.68 9.71 4.51
CA LEU A 41 -21.37 10.33 4.70
C LEU A 41 -20.55 10.18 3.44
N GLU A 42 -20.46 11.24 2.64
CA GLU A 42 -19.70 11.26 1.39
C GLU A 42 -18.26 11.72 1.64
N SER A 43 -17.32 11.20 0.85
CA SER A 43 -15.95 11.68 0.86
C SER A 43 -15.20 11.39 -0.46
N GLU A 44 -14.37 12.34 -0.90
CA GLU A 44 -13.73 12.36 -2.26
C GLU A 44 -14.46 11.45 -3.24
N PRO A 51 -10.92 4.79 -13.48
CA PRO A 51 -11.56 4.25 -12.28
C PRO A 51 -13.08 4.01 -12.35
N ARG A 52 -13.82 5.10 -12.50
CA ARG A 52 -15.31 5.24 -12.57
C ARG A 52 -16.03 4.19 -13.42
N ALA A 53 -17.26 3.83 -13.03
CA ALA A 53 -18.14 2.89 -13.76
C ALA A 53 -19.13 3.71 -14.62
N VAL A 54 -19.32 3.36 -15.89
CA VAL A 54 -20.12 4.26 -16.77
C VAL A 54 -21.14 3.54 -17.65
N ALA A 55 -21.17 2.22 -17.71
CA ALA A 55 -22.13 1.54 -18.62
C ALA A 55 -23.23 0.83 -17.87
N TYR A 56 -24.47 1.03 -18.33
CA TYR A 56 -25.63 0.36 -17.70
C TYR A 56 -26.25 -0.61 -18.69
N MET A 57 -26.27 -1.87 -18.32
CA MET A 57 -26.88 -2.92 -19.17
C MET A 57 -28.37 -3.00 -18.90
N PRO A 58 -29.15 -3.74 -19.70
CA PRO A 58 -30.58 -3.81 -19.56
C PRO A 58 -31.16 -4.14 -18.20
N PRO A 59 -30.63 -5.10 -17.47
CA PRO A 59 -31.15 -5.40 -16.12
C PRO A 59 -30.88 -4.27 -15.17
N THR A 60 -29.78 -3.56 -15.38
CA THR A 60 -29.47 -2.41 -14.55
C THR A 60 -30.40 -1.25 -14.87
N ALA A 61 -30.71 -1.10 -16.15
CA ALA A 61 -31.66 -0.06 -16.60
C ALA A 61 -33.03 -0.37 -15.99
N ALA A 62 -33.41 -1.63 -15.96
CA ALA A 62 -34.69 -2.05 -15.35
C ALA A 62 -34.70 -1.69 -13.85
N ALA A 63 -33.58 -1.90 -13.16
CA ALA A 63 -33.47 -1.55 -11.73
C ALA A 63 -33.60 -0.04 -11.54
N LEU A 64 -32.99 0.75 -12.42
CA LEU A 64 -33.05 2.23 -12.36
C LEU A 64 -34.48 2.73 -12.55
N ASP A 65 -35.24 2.06 -13.40
CA ASP A 65 -36.67 2.38 -13.61
C ASP A 65 -37.42 2.15 -12.30
N ARG A 66 -37.12 1.09 -11.58
CA ARG A 66 -37.78 0.85 -10.27
C ARG A 66 -37.41 1.95 -9.27
N PHE A 67 -36.18 2.45 -9.32
CA PHE A 67 -35.72 3.55 -8.46
C PHE A 67 -36.38 4.86 -8.89
N GLY A 68 -36.96 4.92 -10.10
CA GLY A 68 -37.60 6.13 -10.65
C GLY A 68 -36.59 7.07 -11.24
N LEU A 69 -35.39 6.58 -11.51
CA LEU A 69 -34.30 7.43 -12.03
C LEU A 69 -34.06 7.27 -13.52
N LEU A 70 -34.80 6.42 -14.21
CA LEU A 70 -34.37 6.11 -15.57
C LEU A 70 -34.61 7.25 -16.53
N ASP A 71 -35.73 7.94 -16.37
CA ASP A 71 -36.03 9.12 -17.23
C ASP A 71 -34.96 10.19 -17.19
N ASP A 72 -34.58 10.57 -15.98
CA ASP A 72 -33.64 11.67 -15.80
C ASP A 72 -32.24 11.23 -16.26
N ILE A 73 -31.94 9.95 -16.08
CA ILE A 73 -30.70 9.39 -16.60
C ILE A 73 -30.66 9.27 -18.13
N ARG A 74 -31.79 8.87 -18.72
CA ARG A 74 -31.88 8.69 -20.14
C ARG A 74 -31.68 10.01 -20.87
N LYS A 75 -32.09 11.11 -20.25
CA LYS A 75 -31.89 12.44 -20.81
C LYS A 75 -30.43 12.84 -20.86
N ARG A 76 -29.62 12.39 -19.92
CA ARG A 76 -28.21 12.75 -19.93
C ARG A 76 -27.26 11.74 -20.63
N ALA A 77 -27.73 10.50 -20.77
CA ALA A 77 -26.83 9.42 -21.09
C ALA A 77 -26.64 9.32 -22.56
N VAL A 78 -25.57 8.64 -22.90
CA VAL A 78 -25.31 8.36 -24.31
C VAL A 78 -25.99 7.04 -24.63
N TRP A 79 -26.93 7.11 -25.53
CA TRP A 79 -27.69 5.97 -25.98
C TRP A 79 -26.81 5.12 -26.84
N CYS A 80 -26.70 3.85 -26.49
CA CYS A 80 -25.76 2.95 -27.14
C CYS A 80 -26.49 1.68 -27.56
N PRO A 81 -26.91 1.60 -28.84
CA PRO A 81 -27.69 0.46 -29.35
C PRO A 81 -26.86 -0.78 -29.59
N ASP A 82 -25.56 -0.62 -29.71
CA ASP A 82 -24.66 -1.73 -29.98
C ASP A 82 -23.28 -1.54 -29.36
N PHE A 83 -22.52 -2.63 -29.24
CA PHE A 83 -21.10 -2.54 -28.89
C PHE A 83 -20.32 -3.41 -29.88
N ALA A 84 -19.05 -3.12 -30.05
CA ALA A 84 -18.26 -3.74 -31.09
C ALA A 84 -17.03 -4.41 -30.51
N TYR A 85 -16.63 -5.52 -31.14
CA TYR A 85 -15.30 -6.09 -31.00
C TYR A 85 -14.53 -5.73 -32.23
N ARG A 86 -13.26 -5.33 -32.07
CA ARG A 86 -12.41 -4.92 -33.21
C ARG A 86 -11.00 -5.40 -33.09
N HIS A 87 -10.29 -5.45 -34.20
CA HIS A 87 -8.89 -5.77 -34.19
C HIS A 87 -8.16 -4.49 -33.97
N GLY A 88 -6.86 -4.57 -33.78
CA GLY A 88 -6.07 -3.41 -33.42
C GLY A 88 -6.01 -2.41 -34.54
N ASN A 89 -6.14 -2.86 -35.78
CA ASN A 89 -6.26 -1.92 -36.91
C ASN A 89 -7.68 -1.29 -37.03
N GLY A 90 -8.52 -1.49 -36.01
CA GLY A 90 -9.87 -0.90 -35.98
C GLY A 90 -10.94 -1.65 -36.77
N GLU A 91 -10.53 -2.62 -37.57
CA GLU A 91 -11.49 -3.43 -38.34
C GLU A 91 -12.43 -4.20 -37.43
N LEU A 92 -13.65 -4.26 -37.87
CA LEU A 92 -14.70 -4.86 -37.12
C LEU A 92 -14.54 -6.37 -37.11
N ILE A 93 -14.74 -6.97 -35.93
CA ILE A 93 -14.81 -8.41 -35.74
C ILE A 93 -16.26 -8.83 -35.60
N ALA A 94 -16.97 -8.18 -34.70
CA ALA A 94 -18.40 -8.42 -34.53
C ALA A 94 -19.05 -7.22 -33.86
N LYS A 95 -20.30 -6.99 -34.21
CA LYS A 95 -21.12 -5.96 -33.61
C LYS A 95 -22.27 -6.66 -32.90
N MET A 96 -22.45 -6.40 -31.63
CA MET A 96 -23.55 -6.99 -30.90
C MET A 96 -24.66 -5.96 -30.75
N ASP A 97 -25.86 -6.29 -31.23
CA ASP A 97 -26.98 -5.35 -31.30
C ASP A 97 -28.01 -5.67 -30.25
N TRP A 98 -28.19 -4.74 -29.34
CA TRP A 98 -29.08 -4.93 -28.21
C TRP A 98 -30.52 -5.09 -28.61
N ALA A 99 -30.84 -4.58 -29.80
CA ALA A 99 -32.19 -4.69 -30.37
C ALA A 99 -32.68 -6.13 -30.53
N VAL A 100 -31.76 -7.10 -30.67
CA VAL A 100 -32.16 -8.49 -30.71
C VAL A 100 -32.90 -8.93 -29.45
N LEU A 101 -33.00 -8.05 -28.46
CA LEU A 101 -33.66 -8.40 -27.22
C LEU A 101 -34.97 -7.71 -27.12
N ALA A 102 -35.38 -7.03 -28.17
CA ALA A 102 -36.61 -6.25 -28.13
C ALA A 102 -37.86 -7.03 -27.70
N GLN A 103 -37.86 -8.35 -27.88
CA GLN A 103 -38.95 -9.19 -27.36
C GLN A 103 -38.72 -9.68 -25.93
N ASP A 104 -37.53 -9.47 -25.39
CA ASP A 104 -37.20 -10.01 -24.06
C ASP A 104 -37.18 -8.96 -22.95
N THR A 105 -37.08 -7.69 -23.30
CA THR A 105 -36.93 -6.65 -22.28
C THR A 105 -37.49 -5.36 -22.76
N ASP A 106 -37.93 -4.56 -21.80
CA ASP A 106 -38.35 -3.20 -22.05
C ASP A 106 -37.16 -2.30 -22.27
N TYR A 107 -35.96 -2.76 -21.94
CA TYR A 107 -34.74 -1.93 -22.05
C TYR A 107 -33.66 -2.49 -22.99
N PRO A 108 -33.96 -2.59 -24.29
CA PRO A 108 -33.04 -3.22 -25.23
C PRO A 108 -31.96 -2.27 -25.71
N TYR A 109 -31.15 -1.82 -24.77
CA TYR A 109 -30.08 -0.94 -25.09
C TYR A 109 -29.15 -0.81 -23.88
N MET A 110 -28.03 -0.18 -24.16
CA MET A 110 -27.01 0.13 -23.16
C MET A 110 -27.02 1.64 -22.97
N LEU A 111 -26.83 2.10 -21.74
CA LEU A 111 -26.75 3.55 -21.49
C LEU A 111 -25.34 3.85 -20.96
N LEU A 112 -24.67 4.85 -21.54
CA LEU A 112 -23.31 5.21 -21.08
C LEU A 112 -23.35 6.59 -20.46
N LEU A 113 -22.83 6.73 -19.25
CA LEU A 113 -22.79 8.03 -18.57
C LEU A 113 -21.74 7.99 -17.47
N ALA A 114 -20.95 9.04 -17.35
CA ALA A 114 -19.92 9.15 -16.32
C ALA A 114 -20.57 9.16 -14.94
N GLN A 115 -19.88 8.61 -13.96
CA GLN A 115 -20.40 8.40 -12.59
C GLN A 115 -20.83 9.71 -11.93
N ASN A 116 -20.08 10.78 -12.11
CA ASN A 116 -20.42 12.08 -11.48
C ASN A 116 -21.79 12.58 -11.96
N HIS A 117 -22.10 12.43 -13.25
CA HIS A 117 -23.38 12.86 -13.75
C HIS A 117 -24.51 12.00 -13.13
N VAL A 118 -24.27 10.70 -12.99
CA VAL A 118 -25.23 9.79 -12.38
C VAL A 118 -25.45 10.21 -10.92
N SER A 119 -24.36 10.42 -10.20
CA SER A 119 -24.45 10.87 -8.83
C SER A 119 -25.26 12.19 -8.69
N ASN A 120 -25.00 13.18 -9.55
CA ASN A 120 -25.81 14.41 -9.52
C ASN A 120 -27.30 14.18 -9.75
N VAL A 121 -27.66 13.26 -10.62
CA VAL A 121 -29.13 12.95 -10.78
C VAL A 121 -29.69 12.41 -9.50
N ILE A 122 -28.95 11.50 -8.91
CA ILE A 122 -29.44 10.82 -7.72
C ILE A 122 -29.53 11.81 -6.56
N VAL A 123 -28.57 12.71 -6.47
CA VAL A 123 -28.68 13.78 -5.47
C VAL A 123 -29.96 14.64 -5.61
N GLU A 124 -30.29 15.08 -6.82
CA GLU A 124 -31.54 15.83 -7.02
C GLU A 124 -32.75 15.08 -6.50
N HIS A 125 -32.81 13.77 -6.66
CA HIS A 125 -33.97 13.02 -6.09
C HIS A 125 -33.93 12.88 -4.57
N LEU A 126 -32.74 12.75 -4.01
CA LEU A 126 -32.61 12.67 -2.55
C LEU A 126 -32.99 13.96 -1.89
N ARG A 127 -32.70 15.07 -2.57
CA ARG A 127 -33.00 16.37 -2.05
C ARG A 127 -34.50 16.58 -1.86
N LYS A 128 -35.36 15.75 -2.42
CA LYS A 128 -36.79 15.89 -2.19
C LYS A 128 -37.24 15.08 -1.00
N LEU A 129 -36.32 14.51 -0.24
CA LEU A 129 -36.69 13.64 0.87
C LEU A 129 -36.12 14.23 2.13
N PRO A 130 -36.99 14.87 2.92
CA PRO A 130 -36.50 15.49 4.15
C PRO A 130 -35.93 14.50 5.20
N ASN A 131 -36.36 13.23 5.17
CA ASN A 131 -35.79 12.19 6.05
C ASN A 131 -34.37 11.70 5.68
N VAL A 132 -33.82 12.28 4.62
CA VAL A 132 -32.45 11.91 4.17
C VAL A 132 -31.57 13.14 4.28
N GLU A 133 -30.39 12.99 4.90
CA GLU A 133 -29.47 14.12 5.05
C GLU A 133 -28.12 13.69 4.51
N ILE A 134 -27.46 14.56 3.74
CA ILE A 134 -26.15 14.24 3.17
C ILE A 134 -25.10 15.10 3.84
N ARG A 135 -24.05 14.47 4.35
CA ARG A 135 -22.92 15.21 4.96
C ARG A 135 -21.72 15.14 4.00
N TRP A 136 -21.43 16.25 3.36
CA TRP A 136 -20.37 16.34 2.33
C TRP A 136 -18.99 16.30 2.96
N ASN A 137 -18.10 15.48 2.42
CA ASN A 137 -16.70 15.39 2.88
C ASN A 137 -16.62 15.01 4.36
N HIS A 138 -17.51 14.15 4.81
CA HIS A 138 -17.40 13.62 6.19
C HIS A 138 -16.78 12.24 6.07
N LYS A 139 -15.72 11.96 6.80
CA LYS A 139 -15.09 10.63 6.61
C LYS A 139 -15.14 9.86 7.91
N VAL A 140 -15.13 8.54 7.80
CA VAL A 140 -15.18 7.69 8.95
C VAL A 140 -13.77 7.29 9.36
N GLU A 141 -13.34 7.80 10.52
CA GLU A 141 -11.99 7.58 11.08
C GLU A 141 -11.93 6.35 11.97
N GLU A 142 -13.01 6.09 12.72
CA GLU A 142 -13.08 4.88 13.56
C GLU A 142 -14.50 4.28 13.62
N ILE A 143 -14.58 2.97 13.76
CA ILE A 143 -15.85 2.28 13.78
C ILE A 143 -15.78 1.05 14.68
N ASP A 144 -16.78 0.90 15.55
CA ASP A 144 -17.01 -0.37 16.22
C ASP A 144 -18.48 -0.49 16.62
N GLN A 145 -18.87 -1.71 16.93
CA GLN A 145 -20.25 -2.01 17.18
C GLN A 145 -20.41 -2.78 18.47
N ASP A 146 -21.63 -2.80 18.94
CA ASP A 146 -22.07 -3.64 20.04
C ASP A 146 -23.40 -4.25 19.54
N ASP A 147 -24.19 -4.78 20.46
CA ASP A 147 -25.44 -5.46 20.11
C ASP A 147 -26.52 -4.52 19.58
N ASP A 148 -26.50 -3.28 20.03
CA ASP A 148 -27.58 -2.34 19.81
C ASP A 148 -27.30 -1.32 18.66
N TYR A 149 -26.05 -0.84 18.60
CA TYR A 149 -25.65 0.27 17.74
C TYR A 149 -24.28 0.03 17.12
N VAL A 150 -24.03 0.70 15.99
CA VAL A 150 -22.69 0.86 15.46
C VAL A 150 -22.26 2.26 15.88
N THR A 151 -21.06 2.40 16.44
CA THR A 151 -20.55 3.74 16.86
C THR A 151 -19.45 4.18 15.92
N MET A 152 -19.47 5.43 15.46
CA MET A 152 -18.43 5.89 14.51
C MET A 152 -17.75 7.17 15.00
N GLU A 153 -16.47 7.32 14.70
CA GLU A 153 -15.77 8.59 14.94
C GLU A 153 -15.68 9.24 13.56
N THR A 154 -16.15 10.47 13.40
CA THR A 154 -16.13 11.09 12.06
C THR A 154 -15.33 12.39 12.02
N SER A 155 -14.75 12.67 10.87
CA SER A 155 -14.01 13.95 10.67
C SER A 155 -14.66 14.66 9.49
N GLY A 156 -14.93 15.95 9.63
CA GLY A 156 -15.54 16.73 8.62
C GLY A 156 -14.92 18.12 8.62
N PRO A 157 -15.52 19.04 7.87
CA PRO A 157 -15.04 20.41 7.88
C PRO A 157 -15.30 21.09 9.22
N ALA A 158 -16.27 20.58 9.98
CA ALA A 158 -16.52 21.05 11.34
C ALA A 158 -15.53 20.51 12.39
N GLY A 159 -14.70 19.54 12.03
CA GLY A 159 -13.81 18.86 12.97
C GLY A 159 -14.31 17.45 13.33
N LYS A 160 -13.81 16.91 14.44
CA LYS A 160 -14.16 15.54 14.83
C LYS A 160 -15.56 15.49 15.42
N ALA A 161 -16.24 14.37 15.26
CA ALA A 161 -17.48 14.17 15.98
C ALA A 161 -17.83 12.69 16.09
N SER A 162 -18.84 12.38 16.88
CA SER A 162 -19.22 11.01 17.16
C SER A 162 -20.63 10.72 16.69
N LEU A 163 -20.86 9.51 16.19
CA LEU A 163 -22.13 9.14 15.60
C LEU A 163 -22.49 7.67 15.87
N ARG A 164 -23.76 7.35 16.15
CA ARG A 164 -24.16 5.94 16.26
C ARG A 164 -25.41 5.66 15.50
N ALA A 165 -25.53 4.43 14.99
CA ALA A 165 -26.66 4.08 14.14
C ALA A 165 -27.06 2.62 14.28
N LYS A 166 -28.32 2.35 14.03
CA LYS A 166 -28.80 0.98 14.11
C LYS A 166 -28.09 0.10 13.09
N TRP A 167 -27.80 0.66 11.93
CA TRP A 167 -27.30 -0.11 10.78
C TRP A 167 -26.38 0.75 9.98
N VAL A 168 -25.31 0.17 9.49
CA VAL A 168 -24.40 0.88 8.62
C VAL A 168 -24.17 0.14 7.31
N ALA A 169 -24.39 0.84 6.20
CA ALA A 169 -24.12 0.32 4.87
C ALA A 169 -22.89 1.03 4.34
N ALA A 170 -21.81 0.29 4.22
CA ALA A 170 -20.56 0.79 3.72
C ALA A 170 -20.48 0.52 2.21
N THR A 171 -20.17 1.53 1.44
CA THR A 171 -20.12 1.40 -0.04
C THR A 171 -18.85 1.84 -0.77
N ASP A 172 -17.84 2.23 0.00
CA ASP A 172 -16.64 2.83 -0.57
C ASP A 172 -15.46 1.87 -0.59
N GLY A 173 -14.65 1.97 -1.64
CA GLY A 173 -13.59 0.98 -1.91
C GLY A 173 -12.28 1.09 -1.14
N ALA A 174 -11.85 2.28 -0.72
CA ALA A 174 -10.54 2.38 -0.04
C ALA A 174 -10.44 1.47 1.19
N ARG A 175 -9.24 0.90 1.48
CA ARG A 175 -9.07 0.01 2.65
C ARG A 175 -9.08 0.81 3.95
N SER A 176 -8.75 2.12 3.87
CA SER A 176 -8.70 3.01 5.05
C SER A 176 -10.10 3.21 5.64
N THR A 177 -11.12 2.97 4.83
CA THR A 177 -12.57 3.08 5.15
C THR A 177 -13.03 1.84 5.94
N VAL A 178 -14.28 1.88 6.40
CA VAL A 178 -15.03 0.86 7.18
C VAL A 178 -14.69 -0.58 6.80
N ARG A 179 -14.71 -0.90 5.50
CA ARG A 179 -14.45 -2.29 5.01
C ARG A 179 -13.21 -2.93 5.65
N GLY A 180 -12.09 -2.21 5.78
CA GLY A 180 -10.91 -2.81 6.40
C GLY A 180 -10.79 -2.43 7.86
N LYS A 181 -11.92 -2.20 8.53
CA LYS A 181 -11.86 -1.78 9.96
C LYS A 181 -12.72 -2.71 10.83
N ILE A 182 -13.53 -3.56 10.20
CA ILE A 182 -14.43 -4.49 10.94
C ILE A 182 -13.85 -5.90 10.93
N GLY A 183 -12.64 -6.07 10.38
CA GLY A 183 -12.01 -7.37 10.37
C GLY A 183 -12.70 -8.44 9.51
N LEU A 184 -13.00 -8.11 8.26
CA LEU A 184 -13.45 -9.14 7.32
C LEU A 184 -12.26 -9.63 6.55
N THR A 185 -12.36 -10.86 6.08
CA THR A 185 -11.36 -11.43 5.21
C THR A 185 -11.68 -10.90 3.82
N PHE A 186 -10.67 -10.52 3.05
CA PHE A 186 -10.85 -10.36 1.62
C PHE A 186 -10.04 -11.44 0.93
N ASP A 187 -10.67 -12.12 -0.01
CA ASP A 187 -10.03 -13.17 -0.79
C ASP A 187 -10.03 -12.78 -2.28
N GLY A 188 -9.51 -13.67 -3.12
CA GLY A 188 -9.47 -13.43 -4.58
C GLY A 188 -8.73 -12.15 -4.94
N ILE A 189 -7.71 -11.81 -4.13
CA ILE A 189 -7.00 -10.56 -4.29
C ILE A 189 -5.95 -10.68 -5.37
N THR A 190 -6.16 -10.02 -6.51
CA THR A 190 -5.13 -9.96 -7.55
C THR A 190 -4.96 -8.53 -8.08
N TRP A 191 -3.70 -8.12 -8.18
CA TRP A 191 -3.34 -6.82 -8.70
C TRP A 191 -3.35 -6.84 -10.23
N SER A 192 -3.59 -5.67 -10.80
CA SER A 192 -3.69 -5.55 -12.24
C SER A 192 -2.35 -5.15 -12.72
N GLU A 193 -2.13 -5.34 -14.01
CA GLU A 193 -0.99 -4.71 -14.71
C GLU A 193 -1.25 -3.22 -14.74
N ARG A 194 -0.30 -2.48 -15.31
CA ARG A 194 -0.43 -1.06 -15.45
C ARG A 194 -1.29 -0.69 -16.63
N LEU A 195 -2.35 0.02 -16.31
CA LEU A 195 -3.28 0.57 -17.25
C LEU A 195 -3.19 2.10 -17.26
N VAL A 196 -3.58 2.67 -18.39
CA VAL A 196 -3.66 4.07 -18.55
C VAL A 196 -5.11 4.37 -18.97
N ALA A 197 -5.79 5.19 -18.17
CA ALA A 197 -7.11 5.72 -18.50
C ALA A 197 -6.90 7.10 -19.03
N THR A 198 -7.39 7.35 -20.26
CA THR A 198 -7.40 8.70 -20.80
C THR A 198 -8.82 9.14 -21.14
N ASN A 199 -9.07 10.43 -21.06
CA ASN A 199 -10.29 11.05 -21.59
C ASN A 199 -9.91 11.88 -22.79
N VAL A 200 -10.52 11.56 -23.93
CA VAL A 200 -10.16 12.23 -25.20
C VAL A 200 -11.36 12.79 -25.94
N PHE A 201 -11.16 14.00 -26.45
CA PHE A 201 -12.04 14.58 -27.44
C PHE A 201 -11.57 14.14 -28.80
N TYR A 202 -12.24 13.13 -29.34
CA TYR A 202 -11.97 12.68 -30.71
C TYR A 202 -13.25 12.09 -31.19
N ASP A 203 -13.63 12.41 -32.41
CA ASP A 203 -14.92 11.92 -32.90
C ASP A 203 -14.72 10.51 -33.39
N PHE A 204 -14.86 9.57 -32.49
CA PHE A 204 -14.61 8.16 -32.83
C PHE A 204 -15.66 7.65 -33.81
N SER A 205 -16.88 8.05 -33.54
CA SER A 205 -18.04 7.64 -34.35
C SER A 205 -17.94 8.10 -35.84
N LEU A 206 -17.37 9.27 -36.08
CA LEU A 206 -17.10 9.68 -37.45
C LEU A 206 -16.26 8.66 -38.23
N HIS A 207 -15.39 7.95 -37.54
CA HIS A 207 -14.52 6.95 -38.15
C HIS A 207 -15.00 5.53 -38.00
N GLY A 208 -16.28 5.33 -37.71
CA GLY A 208 -16.86 3.98 -37.77
C GLY A 208 -16.97 3.24 -36.43
N TYR A 209 -16.46 3.81 -35.33
CA TYR A 209 -16.57 3.13 -34.06
C TYR A 209 -17.96 3.18 -33.52
N SER A 210 -18.27 2.23 -32.67
CA SER A 210 -19.49 2.28 -31.91
C SER A 210 -19.24 3.08 -30.65
N ARG A 211 -20.29 3.26 -29.88
CA ARG A 211 -20.18 3.98 -28.61
C ARG A 211 -19.43 3.20 -27.52
N ALA A 212 -19.31 1.89 -27.71
CA ALA A 212 -18.52 1.07 -26.79
C ALA A 212 -17.81 0.03 -27.63
N ASN A 213 -16.50 -0.09 -27.47
CA ASN A 213 -15.65 -0.94 -28.34
C ASN A 213 -14.62 -1.69 -27.53
N PHE A 214 -14.47 -2.97 -27.80
CA PHE A 214 -13.39 -3.76 -27.21
C PHE A 214 -12.43 -4.05 -28.31
N VAL A 215 -11.17 -3.60 -28.16
CA VAL A 215 -10.13 -3.80 -29.14
C VAL A 215 -9.22 -4.94 -28.69
N HIS A 216 -9.12 -5.95 -29.52
CA HIS A 216 -8.42 -7.19 -29.20
C HIS A 216 -7.13 -7.25 -29.95
N ASP A 217 -6.04 -7.25 -29.21
CA ASP A 217 -4.72 -7.23 -29.78
C ASP A 217 -3.81 -7.57 -28.64
N PRO A 218 -2.76 -8.35 -28.90
CA PRO A 218 -1.83 -8.70 -27.84
C PRO A 218 -1.10 -7.51 -27.17
N VAL A 219 -0.87 -6.42 -27.90
CA VAL A 219 -0.12 -5.26 -27.38
C VAL A 219 -1.02 -4.04 -27.21
N ASP A 220 -1.70 -3.69 -28.31
CA ASP A 220 -2.58 -2.52 -28.38
C ASP A 220 -4.05 -2.83 -28.15
N TRP A 221 -4.36 -3.65 -27.15
CA TRP A 221 -5.76 -3.85 -26.73
C TRP A 221 -6.24 -2.58 -26.01
N ALA A 222 -7.55 -2.39 -25.93
CA ALA A 222 -8.09 -1.16 -25.35
C ALA A 222 -9.57 -1.21 -25.21
N VAL A 223 -10.08 -0.41 -24.27
CA VAL A 223 -11.51 -0.15 -24.19
C VAL A 223 -11.71 1.28 -24.61
N VAL A 224 -12.64 1.47 -25.50
CA VAL A 224 -12.97 2.76 -26.01
C VAL A 224 -14.47 2.92 -25.87
N VAL A 225 -14.86 3.83 -25.00
CA VAL A 225 -16.24 3.97 -24.69
C VAL A 225 -16.53 5.44 -24.44
N GLN A 226 -17.70 5.91 -24.86
CA GLN A 226 -18.08 7.34 -24.71
C GLN A 226 -18.48 7.67 -23.28
N LEU A 227 -18.01 8.80 -22.77
CA LEU A 227 -18.26 9.23 -21.37
C LEU A 227 -19.51 10.11 -21.24
N ASP A 228 -19.68 11.11 -22.09
CA ASP A 228 -20.87 11.99 -21.96
C ASP A 228 -21.24 12.62 -23.30
N LYS A 229 -22.20 13.54 -23.29
CA LYS A 229 -22.73 14.18 -24.51
C LYS A 229 -21.83 15.32 -25.02
N THR A 230 -20.73 15.64 -24.35
CA THR A 230 -19.82 16.67 -24.88
C THR A 230 -18.95 16.07 -25.98
N GLY A 231 -18.86 14.76 -26.08
CA GLY A 231 -18.03 14.10 -27.10
C GLY A 231 -16.73 13.64 -26.49
N LEU A 232 -16.71 13.54 -25.18
CA LEU A 232 -15.50 13.08 -24.47
C LEU A 232 -15.55 11.56 -24.38
N TRP A 233 -14.44 10.92 -24.70
CA TRP A 233 -14.41 9.44 -24.70
C TRP A 233 -13.33 8.95 -23.75
N ARG A 234 -13.56 7.77 -23.20
CA ARG A 234 -12.59 7.08 -22.44
C ARG A 234 -11.85 6.03 -23.30
N VAL A 235 -10.54 6.09 -23.27
CA VAL A 235 -9.68 5.11 -23.89
C VAL A 235 -8.82 4.51 -22.78
N CYS A 236 -8.99 3.22 -22.49
CA CYS A 236 -8.12 2.53 -21.54
C CYS A 236 -7.25 1.53 -22.28
N TYR A 237 -5.96 1.55 -21.98
CA TYR A 237 -4.97 0.69 -22.63
C TYR A 237 -3.83 0.32 -21.66
N GLY A 238 -2.98 -0.60 -22.09
CA GLY A 238 -1.88 -1.06 -21.26
C GLY A 238 -0.58 -0.37 -21.64
N GLU A 239 0.26 -0.09 -20.65
CA GLU A 239 1.62 0.40 -20.95
C GLU A 239 2.67 -0.31 -20.07
N ASP A 240 3.93 -0.27 -20.52
CA ASP A 240 5.08 -0.84 -19.79
C ASP A 240 5.08 -0.41 -18.32
N PRO A 241 5.14 -1.37 -17.40
CA PRO A 241 5.02 -0.97 -15.96
C PRO A 241 6.30 -0.32 -15.34
N ASP A 242 7.44 -0.39 -16.00
CA ASP A 242 8.70 0.12 -15.44
C ASP A 242 8.94 1.64 -15.61
N ILE A 243 8.25 2.26 -16.56
CA ILE A 243 8.54 3.64 -16.92
C ILE A 243 7.80 4.70 -16.07
N SER A 244 8.34 5.92 -16.04
CA SER A 244 7.73 7.01 -15.29
C SER A 244 6.46 7.56 -15.94
N GLU A 245 5.65 8.27 -15.16
CA GLU A 245 4.46 8.88 -15.73
C GLU A 245 4.84 9.83 -16.85
N ALA A 246 5.99 10.49 -16.72
CA ALA A 246 6.42 11.42 -17.77
C ALA A 246 6.63 10.70 -19.10
N GLU A 247 7.24 9.52 -19.06
CA GLU A 247 7.46 8.73 -20.26
C GLU A 247 6.15 8.16 -20.83
N VAL A 248 5.19 7.84 -19.97
CA VAL A 248 3.84 7.44 -20.43
C VAL A 248 3.20 8.51 -21.34
N ARG A 249 3.14 9.73 -20.84
CA ARG A 249 2.67 10.88 -21.57
C ARG A 249 3.46 11.15 -22.84
N ARG A 250 4.76 10.98 -22.78
CA ARG A 250 5.58 11.18 -23.99
C ARG A 250 5.25 10.11 -25.06
N ARG A 251 4.85 8.93 -24.64
CA ARG A 251 4.60 7.83 -25.60
C ARG A 251 3.24 7.83 -26.18
N LEU A 252 2.30 8.54 -25.54
CA LEU A 252 0.92 8.54 -25.98
C LEU A 252 0.69 8.91 -27.43
N PRO A 253 1.30 10.01 -27.91
CA PRO A 253 1.05 10.33 -29.33
C PRO A 253 1.25 9.16 -30.24
N GLU A 254 2.34 8.45 -30.06
CA GLU A 254 2.67 7.30 -30.88
C GLU A 254 1.69 6.17 -30.65
N ARG A 255 1.29 5.96 -29.40
CA ARG A 255 0.28 4.94 -29.11
C ARG A 255 -1.03 5.28 -29.78
N PHE A 256 -1.40 6.55 -29.82
CA PHE A 256 -2.68 6.93 -30.42
C PHE A 256 -2.73 6.78 -31.92
N LYS A 257 -1.59 6.81 -32.56
CA LYS A 257 -1.55 6.51 -34.00
C LYS A 257 -2.15 5.14 -34.30
N ARG A 258 -2.14 4.23 -33.32
CA ARG A 258 -2.80 2.93 -33.50
C ARG A 258 -4.12 2.80 -32.77
N LEU A 259 -4.26 3.42 -31.61
CA LEU A 259 -5.47 3.23 -30.81
C LEU A 259 -6.68 3.99 -31.33
N LEU A 260 -6.44 5.03 -32.13
CA LEU A 260 -7.51 5.87 -32.66
C LEU A 260 -7.65 5.63 -34.13
N PRO A 261 -8.88 5.40 -34.61
CA PRO A 261 -9.07 5.14 -36.04
C PRO A 261 -8.72 6.31 -36.92
N GLY A 262 -8.22 6.02 -38.11
CA GLY A 262 -7.73 7.02 -39.05
C GLY A 262 -6.31 7.48 -38.79
N ALA A 263 -5.59 6.88 -37.83
CA ALA A 263 -4.19 7.26 -37.49
C ALA A 263 -3.99 8.76 -37.37
N PRO A 264 -4.72 9.41 -36.46
CA PRO A 264 -4.64 10.86 -36.37
C PRO A 264 -3.27 11.37 -35.89
N THR A 265 -3.04 12.65 -36.17
CA THR A 265 -1.86 13.34 -35.74
C THR A 265 -2.33 14.16 -34.59
N PRO A 266 -1.42 14.58 -33.73
CA PRO A 266 -1.84 15.22 -32.47
C PRO A 266 -2.93 16.32 -32.54
N ASP A 267 -2.99 17.03 -33.66
CA ASP A 267 -3.93 18.15 -33.81
C ASP A 267 -5.34 17.69 -34.08
N GLN A 268 -5.49 16.43 -34.43
CA GLN A 268 -6.82 15.93 -34.65
C GLN A 268 -7.50 15.50 -33.40
N TYR A 269 -6.84 15.47 -32.23
CA TYR A 269 -7.53 15.07 -30.98
C TYR A 269 -7.05 15.88 -29.81
N ARG A 270 -7.80 15.85 -28.72
CA ARG A 270 -7.40 16.56 -27.54
C ARG A 270 -7.57 15.71 -26.30
N VAL A 271 -6.46 15.51 -25.61
CA VAL A 271 -6.42 14.69 -24.41
C VAL A 271 -6.80 15.58 -23.26
N ASP A 272 -7.89 15.29 -22.58
CA ASP A 272 -8.35 16.10 -21.45
C ASP A 272 -7.81 15.60 -20.08
N TYR A 273 -7.53 14.30 -19.98
CA TYR A 273 -7.13 13.67 -18.75
C TYR A 273 -6.30 12.47 -19.04
N LEU A 274 -5.23 12.29 -18.29
CA LEU A 274 -4.41 11.08 -18.43
C LEU A 274 -4.00 10.57 -17.06
N ASN A 275 -4.22 9.29 -16.78
CA ASN A 275 -3.92 8.73 -15.45
C ASN A 275 -3.50 7.25 -15.53
N PRO A 276 -2.24 6.95 -15.26
CA PRO A 276 -1.86 5.54 -15.09
C PRO A 276 -2.35 4.98 -13.78
N TYR A 277 -2.75 3.72 -13.75
CA TYR A 277 -3.22 3.17 -12.51
C TYR A 277 -3.23 1.67 -12.53
N ARG A 278 -3.39 1.10 -11.34
CA ARG A 278 -3.48 -0.34 -11.14
C ARG A 278 -4.57 -0.56 -10.13
N VAL A 279 -5.32 -1.63 -10.27
CA VAL A 279 -6.37 -1.98 -9.32
C VAL A 279 -6.25 -3.40 -8.82
N HIS A 280 -6.75 -3.59 -7.61
CA HIS A 280 -6.81 -4.92 -7.05
C HIS A 280 -8.19 -5.47 -7.33
N GLN A 281 -8.26 -6.69 -7.84
CA GLN A 281 -9.45 -7.46 -7.68
C GLN A 281 -9.53 -8.00 -6.28
N ARG A 282 -10.74 -8.22 -5.81
CA ARG A 282 -10.97 -8.80 -4.49
C ARG A 282 -12.45 -9.12 -4.33
N CYS A 283 -12.73 -9.90 -3.29
CA CYS A 283 -14.06 -10.18 -2.86
C CYS A 283 -14.06 -10.44 -1.35
N ALA A 284 -14.91 -9.74 -0.62
CA ALA A 284 -15.07 -10.01 0.82
C ALA A 284 -15.60 -11.42 1.02
N ALA A 285 -15.14 -12.08 2.08
CA ALA A 285 -15.56 -13.45 2.47
C ALA A 285 -17.04 -13.46 2.85
N GLU A 286 -17.48 -12.43 3.57
CA GLU A 286 -18.90 -12.27 3.95
C GLU A 286 -19.25 -10.83 3.64
N PHE A 287 -20.48 -10.55 3.23
CA PHE A 287 -20.84 -9.15 2.91
C PHE A 287 -21.38 -8.44 4.15
N ARG A 288 -21.55 -9.14 5.27
CA ARG A 288 -22.02 -8.42 6.46
C ARG A 288 -21.25 -8.88 7.69
N ARG A 289 -20.98 -7.96 8.58
CA ARG A 289 -20.36 -8.27 9.88
C ARG A 289 -21.20 -7.55 10.91
N GLY A 290 -22.16 -8.23 11.51
CA GLY A 290 -23.05 -7.59 12.49
C GLY A 290 -23.94 -6.52 11.89
N ARG A 291 -23.86 -5.30 12.38
CA ARG A 291 -24.72 -4.20 11.91
C ARG A 291 -24.08 -3.46 10.73
N VAL A 292 -22.92 -3.90 10.27
CA VAL A 292 -22.25 -3.28 9.14
C VAL A 292 -22.43 -4.16 7.91
N ILE A 293 -22.92 -3.59 6.81
CA ILE A 293 -23.13 -4.35 5.56
C ILE A 293 -22.45 -3.65 4.40
N LEU A 294 -21.78 -4.42 3.56
CA LEU A 294 -20.98 -3.90 2.47
C LEU A 294 -21.76 -4.05 1.20
N ALA A 295 -21.52 -3.12 0.30
CA ALA A 295 -22.07 -3.24 -1.03
C ALA A 295 -21.15 -2.58 -2.01
N GLY A 296 -21.33 -2.88 -3.29
CA GLY A 296 -20.59 -2.18 -4.32
C GLY A 296 -19.12 -2.41 -4.10
N ASP A 297 -18.33 -1.38 -4.38
CA ASP A 297 -16.84 -1.40 -4.33
C ASP A 297 -16.29 -1.74 -2.95
N ALA A 298 -17.07 -1.62 -1.89
CA ALA A 298 -16.59 -2.00 -0.56
C ALA A 298 -16.58 -3.53 -0.43
N ALA A 299 -17.43 -4.21 -1.20
CA ALA A 299 -17.58 -5.68 -1.14
C ALA A 299 -16.70 -6.40 -2.16
N HIS A 300 -16.56 -5.87 -3.36
CA HIS A 300 -15.77 -6.59 -4.38
C HIS A 300 -15.33 -5.68 -5.50
N ALA A 301 -14.39 -6.16 -6.30
CA ALA A 301 -13.87 -5.46 -7.48
C ALA A 301 -13.49 -6.51 -8.52
N THR A 302 -13.99 -6.29 -9.71
CA THR A 302 -13.83 -7.19 -10.86
C THR A 302 -12.67 -6.71 -11.73
N ASN A 303 -12.06 -7.61 -12.48
CA ASN A 303 -11.04 -7.14 -13.43
C ASN A 303 -11.46 -5.79 -14.07
N PRO A 304 -10.64 -4.78 -13.91
CA PRO A 304 -11.08 -3.49 -14.47
C PRO A 304 -11.36 -3.46 -15.97
N MET A 305 -10.59 -4.23 -16.75
CA MET A 305 -10.61 -4.15 -18.20
C MET A 305 -11.67 -4.98 -18.90
N GLY A 306 -12.12 -6.06 -18.26
CA GLY A 306 -13.24 -6.87 -18.72
C GLY A 306 -14.58 -6.61 -18.06
N GLY A 307 -14.58 -5.76 -17.04
CA GLY A 307 -15.78 -5.53 -16.21
C GLY A 307 -16.77 -4.50 -16.69
N LEU A 308 -16.63 -4.03 -17.91
CA LEU A 308 -17.56 -3.02 -18.35
C LEU A 308 -19.03 -3.45 -18.26
N GLY A 309 -19.80 -2.67 -17.51
CA GLY A 309 -21.20 -2.97 -17.22
C GLY A 309 -21.44 -4.03 -16.14
N LEU A 310 -20.37 -4.47 -15.49
CA LEU A 310 -20.46 -5.59 -14.56
C LEU A 310 -20.18 -5.30 -13.12
N SER A 311 -20.32 -4.06 -12.69
CA SER A 311 -20.02 -3.74 -11.31
C SER A 311 -21.04 -4.43 -10.39
N GLY A 312 -22.28 -4.60 -10.83
CA GLY A 312 -23.33 -5.13 -9.96
C GLY A 312 -23.79 -4.13 -8.90
N GLY A 313 -23.19 -2.94 -8.85
CA GLY A 313 -23.48 -1.95 -7.81
C GLY A 313 -24.94 -1.58 -7.69
N VAL A 314 -25.59 -1.36 -8.82
CA VAL A 314 -26.98 -0.95 -8.75
C VAL A 314 -27.91 -2.03 -8.19
N LEU A 315 -27.70 -3.28 -8.58
CA LEU A 315 -28.54 -4.35 -8.06
C LEU A 315 -28.13 -4.75 -6.64
N ASP A 316 -26.86 -4.62 -6.31
CA ASP A 316 -26.44 -4.69 -4.90
C ASP A 316 -27.30 -3.73 -4.05
N ALA A 317 -27.31 -2.46 -4.45
CA ALA A 317 -27.95 -1.41 -3.68
C ALA A 317 -29.42 -1.64 -3.53
N GLU A 318 -30.06 -2.20 -4.57
CA GLU A 318 -31.50 -2.45 -4.55
C GLU A 318 -31.86 -3.51 -3.53
N HIS A 319 -31.10 -4.58 -3.55
CA HIS A 319 -31.33 -5.70 -2.65
C HIS A 319 -31.02 -5.31 -1.21
N LEU A 320 -29.89 -4.63 -1.01
CA LEU A 320 -29.50 -4.20 0.35
C LEU A 320 -30.55 -3.33 0.99
N ALA A 321 -31.00 -2.32 0.26
CA ALA A 321 -32.07 -1.47 0.77
C ALA A 321 -33.38 -2.23 1.00
N GLU A 322 -33.69 -3.19 0.13
CA GLU A 322 -34.93 -3.96 0.30
C GLU A 322 -34.84 -4.74 1.64
N ALA A 323 -33.68 -5.37 1.87
CA ALA A 323 -33.45 -6.11 3.10
C ALA A 323 -33.50 -5.23 4.35
N LEU A 324 -32.85 -4.07 4.33
CA LEU A 324 -32.89 -3.19 5.50
C LEU A 324 -34.26 -2.60 5.78
N ILE A 325 -35.04 -2.39 4.75
CA ILE A 325 -36.40 -1.94 4.97
C ILE A 325 -37.23 -2.99 5.71
N ALA A 326 -37.00 -4.25 5.37
CA ALA A 326 -37.72 -5.36 5.91
C ALA A 326 -37.44 -5.47 7.41
N VAL A 327 -36.19 -5.34 7.77
CA VAL A 327 -35.80 -5.39 9.15
C VAL A 327 -36.36 -4.20 9.94
N ILE A 328 -36.16 -3.00 9.42
CA ILE A 328 -36.45 -1.79 10.18
C ILE A 328 -37.93 -1.46 10.22
N LYS A 329 -38.61 -1.61 9.10
CA LYS A 329 -39.97 -1.16 8.99
C LYS A 329 -40.95 -2.28 9.19
N GLU A 330 -40.50 -3.52 8.97
CA GLU A 330 -41.39 -4.67 8.92
C GLU A 330 -41.08 -5.72 10.00
N GLY A 331 -40.18 -5.42 10.93
CA GLY A 331 -39.75 -6.36 11.97
C GLY A 331 -39.18 -7.72 11.54
N ALA A 332 -38.76 -7.85 10.27
CA ALA A 332 -38.25 -9.15 9.80
C ALA A 332 -36.98 -9.46 10.56
N SER A 333 -36.57 -10.72 10.56
CA SER A 333 -35.33 -11.07 11.19
C SER A 333 -34.22 -10.77 10.24
N THR A 334 -33.03 -10.84 10.77
CA THR A 334 -31.86 -10.44 10.06
C THR A 334 -31.39 -11.53 9.11
N LYS A 335 -32.15 -12.61 9.03
CA LYS A 335 -31.92 -13.64 8.00
C LYS A 335 -31.97 -13.04 6.58
N VAL A 336 -32.81 -12.03 6.35
CA VAL A 336 -32.84 -11.35 5.06
C VAL A 336 -31.51 -10.67 4.72
N LEU A 337 -30.80 -10.16 5.73
CA LEU A 337 -29.49 -9.55 5.51
C LEU A 337 -28.45 -10.56 5.16
N ASP A 338 -28.65 -11.78 5.62
CA ASP A 338 -27.76 -12.88 5.27
C ASP A 338 -28.06 -13.42 3.88
N GLU A 339 -29.33 -13.43 3.48
CA GLU A 339 -29.71 -13.83 2.11
C GLU A 339 -29.13 -12.80 1.11
N TYR A 340 -29.10 -11.52 1.50
CA TYR A 340 -28.49 -10.50 0.70
C TYR A 340 -27.02 -10.84 0.44
N SER A 341 -26.29 -11.19 1.50
CA SER A 341 -24.87 -11.46 1.37
C SER A 341 -24.56 -12.67 0.52
N VAL A 342 -25.32 -13.72 0.72
CA VAL A 342 -25.13 -14.93 -0.03
C VAL A 342 -25.48 -14.74 -1.51
N ASP A 343 -26.54 -13.99 -1.81
CA ASP A 343 -27.01 -13.88 -3.19
C ASP A 343 -26.07 -13.01 -4.03
N ARG A 344 -25.65 -11.87 -3.47
CA ARG A 344 -24.78 -10.94 -4.19
C ARG A 344 -23.38 -11.51 -4.27
N ARG A 345 -23.00 -12.33 -3.33
CA ARG A 345 -21.67 -12.85 -3.35
C ARG A 345 -21.61 -13.97 -4.36
N LYS A 346 -22.71 -14.67 -4.55
CA LYS A 346 -22.82 -15.69 -5.60
C LYS A 346 -22.73 -15.05 -7.01
N VAL A 347 -23.40 -13.93 -7.18
CA VAL A 347 -23.43 -13.25 -8.48
C VAL A 347 -22.00 -12.86 -8.84
N PHE A 348 -21.28 -12.26 -7.90
CA PHE A 348 -19.90 -11.92 -8.15
C PHE A 348 -19.02 -13.11 -8.45
N LEU A 349 -19.12 -14.16 -7.66
CA LEU A 349 -18.19 -15.28 -7.77
C LEU A 349 -18.45 -16.15 -8.96
N GLU A 350 -19.71 -16.38 -9.28
CA GLU A 350 -20.12 -17.32 -10.32
C GLU A 350 -20.47 -16.69 -11.69
N PHE A 351 -20.54 -15.37 -11.76
CA PHE A 351 -20.83 -14.72 -13.00
C PHE A 351 -19.93 -13.53 -13.33
N THR A 352 -19.97 -12.52 -12.49
CA THR A 352 -19.31 -11.25 -12.76
C THR A 352 -17.80 -11.38 -12.82
N SER A 353 -17.21 -11.96 -11.79
CA SER A 353 -15.77 -12.07 -11.76
C SER A 353 -15.27 -12.95 -12.88
N PRO A 354 -15.83 -14.15 -13.03
CA PRO A 354 -15.36 -15.01 -14.15
C PRO A 354 -15.57 -14.45 -15.53
N THR A 355 -16.64 -13.72 -15.73
CA THR A 355 -16.91 -13.14 -17.02
C THR A 355 -15.92 -12.05 -17.35
N ALA A 356 -15.64 -11.21 -16.39
CA ALA A 356 -14.69 -10.12 -16.60
C ALA A 356 -13.28 -10.66 -16.88
N THR A 357 -12.92 -11.76 -16.22
CA THR A 357 -11.62 -12.40 -16.39
C THR A 357 -11.48 -13.08 -17.78
N ALA A 358 -12.56 -13.73 -18.23
CA ALA A 358 -12.60 -14.31 -19.58
C ALA A 358 -12.54 -13.23 -20.67
N ASN A 359 -13.27 -12.16 -20.51
CA ASN A 359 -13.31 -11.07 -21.51
C ASN A 359 -11.92 -10.48 -21.66
N PHE A 360 -11.25 -10.26 -20.54
CA PHE A 360 -9.88 -9.68 -20.57
C PHE A 360 -8.87 -10.65 -21.18
N THR A 361 -9.04 -11.95 -20.93
CA THR A 361 -8.15 -13.00 -21.47
C THR A 361 -8.25 -13.03 -22.98
N TRP A 362 -9.46 -12.92 -23.51
CA TRP A 362 -9.70 -12.88 -24.98
C TRP A 362 -9.12 -11.61 -25.58
N MET A 363 -9.26 -10.50 -24.88
CA MET A 363 -8.79 -9.18 -25.35
C MET A 363 -7.28 -9.16 -25.53
N LYS A 364 -6.51 -9.79 -24.64
CA LYS A 364 -5.04 -9.70 -24.74
C LYS A 364 -4.37 -11.00 -25.19
N GLU A 365 -5.10 -11.95 -25.78
CA GLU A 365 -4.51 -13.25 -26.19
C GLU A 365 -3.35 -13.04 -27.16
N SER A 366 -2.25 -13.76 -26.99
CA SER A 366 -1.07 -13.56 -27.88
C SER A 366 -0.78 -14.76 -28.77
N ASP A 367 -1.31 -15.94 -28.47
CA ASP A 367 -1.08 -17.11 -29.29
C ASP A 367 -1.89 -16.96 -30.58
N PRO A 368 -1.23 -16.96 -31.75
CA PRO A 368 -1.91 -16.77 -33.01
C PRO A 368 -2.96 -17.82 -33.34
N ALA A 369 -2.85 -19.01 -32.77
CA ALA A 369 -3.84 -20.05 -33.11
C ALA A 369 -5.07 -19.86 -32.23
N GLN A 370 -4.85 -19.44 -30.99
CA GLN A 370 -5.97 -19.23 -30.06
C GLN A 370 -6.72 -17.99 -30.53
N ARG A 371 -5.99 -16.98 -30.94
CA ARG A 371 -6.61 -15.74 -31.45
C ARG A 371 -7.55 -16.05 -32.60
N ALA A 372 -7.13 -16.89 -33.54
CA ALA A 372 -7.98 -17.24 -34.69
C ALA A 372 -9.21 -18.01 -34.22
N ARG A 373 -9.04 -18.87 -33.23
CA ARG A 373 -10.19 -19.63 -32.68
C ARG A 373 -11.16 -18.62 -32.06
N ASP A 374 -10.62 -17.65 -31.32
CA ASP A 374 -11.42 -16.61 -30.60
C ASP A 374 -12.12 -15.70 -31.61
N ASN A 375 -11.41 -15.27 -32.65
CA ASN A 375 -11.98 -14.37 -33.68
C ASN A 375 -13.15 -15.04 -34.42
N ALA A 376 -13.02 -16.32 -34.75
CA ALA A 376 -14.10 -17.09 -35.42
C ALA A 376 -15.35 -17.16 -34.56
N MET A 377 -15.15 -17.33 -33.25
CA MET A 377 -16.23 -17.41 -32.24
C MET A 377 -16.99 -16.08 -32.16
N PHE A 378 -16.23 -14.97 -32.14
CA PHE A 378 -16.89 -13.65 -32.03
C PHE A 378 -17.54 -13.33 -33.34
N ASP A 379 -16.83 -13.61 -34.43
CA ASP A 379 -17.38 -13.37 -35.74
C ASP A 379 -18.74 -14.06 -35.89
N HIS A 380 -18.78 -15.32 -35.44
CA HIS A 380 -20.01 -16.13 -35.55
C HIS A 380 -21.11 -15.55 -34.65
N ALA A 381 -20.80 -15.21 -33.40
CA ALA A 381 -21.75 -14.56 -32.51
C ALA A 381 -22.33 -13.28 -33.12
N GLY A 382 -21.51 -12.59 -33.90
CA GLY A 382 -21.95 -11.42 -34.62
C GLY A 382 -22.90 -11.64 -35.78
N LYS A 383 -22.83 -12.81 -36.41
CA LYS A 383 -23.64 -13.07 -37.62
C LYS A 383 -24.91 -13.89 -37.38
N ASP A 384 -24.86 -14.82 -36.44
CA ASP A 384 -26.04 -15.59 -36.11
C ASP A 384 -26.77 -14.87 -35.00
N LEU A 385 -27.91 -14.26 -35.34
CA LEU A 385 -28.64 -13.42 -34.40
C LEU A 385 -29.23 -14.18 -33.22
N LYS A 386 -29.50 -15.47 -33.39
CA LYS A 386 -29.95 -16.31 -32.28
C LYS A 386 -28.88 -16.48 -31.20
N VAL A 387 -27.63 -16.56 -31.63
CA VAL A 387 -26.54 -16.81 -30.72
C VAL A 387 -26.12 -15.51 -30.06
N MET A 388 -26.17 -14.42 -30.82
CA MET A 388 -26.00 -13.09 -30.27
C MET A 388 -27.01 -12.86 -29.19
N ARG A 389 -28.25 -13.25 -29.45
CA ARG A 389 -29.30 -13.16 -28.44
C ARG A 389 -28.94 -13.90 -27.16
N GLU A 390 -28.40 -15.11 -27.26
CA GLU A 390 -28.14 -15.91 -26.06
C GLU A 390 -27.10 -15.27 -25.18
N ILE A 391 -26.08 -14.75 -25.82
CA ILE A 391 -24.97 -14.12 -25.11
C ILE A 391 -25.42 -12.84 -24.39
N LEU A 392 -26.22 -12.02 -25.08
CA LEU A 392 -26.73 -10.79 -24.52
C LEU A 392 -27.71 -11.02 -23.40
N LEU A 393 -28.47 -12.09 -23.47
CA LEU A 393 -29.39 -12.47 -22.39
C LEU A 393 -28.66 -12.89 -21.11
N ASP A 394 -27.41 -13.31 -21.21
CA ASP A 394 -26.63 -13.70 -20.03
C ASP A 394 -26.44 -12.60 -19.01
N PHE A 395 -26.52 -11.34 -19.44
CA PHE A 395 -26.43 -10.25 -18.48
C PHE A 395 -27.53 -10.26 -17.45
N GLU A 396 -28.66 -10.94 -17.73
CA GLU A 396 -29.71 -11.10 -16.74
C GLU A 396 -29.27 -11.83 -15.46
N LYS A 397 -28.12 -12.48 -15.50
CA LYS A 397 -27.54 -13.10 -14.29
C LYS A 397 -27.05 -12.12 -13.26
N LEU A 398 -26.97 -10.83 -13.63
CA LEU A 398 -26.71 -9.79 -12.66
C LEU A 398 -27.78 -9.72 -11.59
N ASN A 399 -28.99 -10.15 -11.93
CA ASN A 399 -30.11 -10.23 -10.98
C ASN A 399 -29.98 -11.28 -9.87
N GLY A 400 -29.13 -12.29 -10.08
CA GLY A 400 -29.08 -13.42 -9.15
C GLY A 400 -30.40 -14.19 -9.12
N ARG A 401 -30.76 -14.69 -7.94
CA ARG A 401 -31.97 -15.52 -7.78
C ARG A 401 -33.18 -14.83 -7.09
N ARG A 402 -33.09 -13.53 -6.82
CA ARG A 402 -34.17 -12.79 -6.13
C ARG A 402 -35.40 -12.55 -6.99
N MET B 9 22.70 9.72 47.09
CA MET B 9 22.94 9.22 45.69
C MET B 9 21.66 9.08 44.87
N GLU B 10 21.71 9.60 43.65
CA GLU B 10 20.56 9.67 42.77
C GLU B 10 19.93 8.30 42.46
N THR B 11 18.63 8.21 42.63
CA THR B 11 17.92 6.97 42.42
C THR B 11 16.81 7.29 41.44
N ILE B 12 16.58 6.41 40.48
CA ILE B 12 15.56 6.65 39.46
C ILE B 12 14.49 5.59 39.55
N GLU B 13 13.30 5.98 39.97
CA GLU B 13 12.19 5.04 40.07
C GLU B 13 11.45 5.01 38.73
N GLY B 14 12.09 4.34 37.79
CA GLY B 14 11.71 4.33 36.38
C GLY B 14 12.82 3.65 35.63
N VAL B 15 13.13 4.10 34.42
CA VAL B 15 14.07 3.41 33.56
C VAL B 15 15.26 4.30 33.21
N VAL B 16 16.45 3.72 33.11
CA VAL B 16 17.56 4.41 32.54
C VAL B 16 17.90 3.73 31.22
N VAL B 17 18.00 4.53 30.18
CA VAL B 17 18.30 4.05 28.84
C VAL B 17 19.73 4.48 28.60
N VAL B 18 20.57 3.51 28.28
CA VAL B 18 21.98 3.75 28.01
C VAL B 18 22.08 3.71 26.51
N GLY B 19 22.32 4.86 25.90
CA GLY B 19 22.49 4.99 24.46
C GLY B 19 21.38 5.82 23.82
N GLY B 20 21.78 6.86 23.09
CA GLY B 20 20.83 7.77 22.45
C GLY B 20 20.87 7.69 20.96
N GLY B 21 21.01 6.48 20.45
CA GLY B 21 20.64 6.20 19.08
C GLY B 21 19.12 6.11 18.97
N PRO B 22 18.66 5.85 17.75
CA PRO B 22 17.22 5.87 17.54
C PRO B 22 16.50 4.87 18.42
N VAL B 23 17.12 3.73 18.64
CA VAL B 23 16.41 2.70 19.37
C VAL B 23 16.26 3.12 20.82
N GLY B 24 17.32 3.66 21.42
CA GLY B 24 17.25 4.24 22.74
C GLY B 24 16.27 5.38 22.86
N LEU B 25 16.30 6.29 21.90
CA LEU B 25 15.37 7.42 21.93
C LEU B 25 13.94 7.02 21.77
N LEU B 26 13.69 5.99 21.00
CA LEU B 26 12.31 5.60 20.73
C LEU B 26 11.76 4.89 21.97
N THR B 27 12.64 4.12 22.60
CA THR B 27 12.28 3.42 23.80
C THR B 27 11.91 4.44 24.85
N ALA B 28 12.75 5.42 25.06
CA ALA B 28 12.43 6.51 25.98
C ALA B 28 11.17 7.26 25.58
N LEU B 29 10.96 7.40 24.28
CA LEU B 29 9.77 8.17 23.84
C LEU B 29 8.51 7.48 24.30
N LYS B 30 8.39 6.18 24.05
CA LYS B 30 7.15 5.48 24.41
C LYS B 30 6.96 5.33 25.93
N LEU B 31 8.06 5.07 26.64
CA LEU B 31 8.01 5.05 28.10
C LEU B 31 7.53 6.39 28.63
N GLY B 32 8.12 7.47 28.13
CA GLY B 32 7.88 8.81 28.63
C GLY B 32 6.45 9.26 28.42
N LYS B 33 5.92 8.91 27.25
CA LYS B 33 4.52 9.18 26.91
C LYS B 33 3.54 8.47 27.83
N ALA B 34 3.93 7.33 28.39
CA ALA B 34 3.07 6.67 29.38
C ALA B 34 3.28 7.16 30.83
N GLY B 35 4.07 8.22 31.05
CA GLY B 35 4.30 8.71 32.42
C GLY B 35 5.50 8.10 33.15
N VAL B 36 6.16 7.11 32.60
CA VAL B 36 7.33 6.55 33.25
C VAL B 36 8.47 7.55 33.26
N ARG B 37 9.20 7.55 34.35
CA ARG B 37 10.35 8.41 34.47
C ARG B 37 11.54 7.76 33.77
N VAL B 38 12.22 8.53 32.92
CA VAL B 38 13.30 8.04 32.06
C VAL B 38 14.47 8.98 32.06
N VAL B 39 15.64 8.39 32.15
CA VAL B 39 16.87 9.13 31.97
C VAL B 39 17.66 8.42 30.90
N VAL B 40 17.96 9.17 29.85
CA VAL B 40 18.73 8.64 28.77
C VAL B 40 20.18 9.07 28.97
N LEU B 41 21.10 8.11 28.86
CA LEU B 41 22.53 8.42 28.85
C LEU B 41 23.20 8.20 27.52
N GLU B 42 23.57 9.28 26.85
CA GLU B 42 24.37 9.17 25.64
C GLU B 42 25.82 9.60 25.88
N SER B 43 26.80 8.79 25.51
CA SER B 43 28.18 9.22 25.64
C SER B 43 28.59 10.46 24.74
N GLU B 44 27.99 10.62 23.56
CA GLU B 44 28.28 11.75 22.67
C GLU B 44 27.53 13.06 23.09
N SER B 45 27.90 14.17 22.46
CA SER B 45 27.39 15.50 22.82
C SER B 45 25.99 15.81 22.31
N GLY B 46 25.57 15.10 21.27
CA GLY B 46 24.30 15.36 20.62
C GLY B 46 24.06 14.25 19.63
N VAL B 47 22.98 14.31 18.86
CA VAL B 47 22.68 13.18 17.97
C VAL B 47 23.78 13.12 16.94
N SER B 48 24.14 11.90 16.57
CA SER B 48 25.23 11.69 15.68
C SER B 48 25.01 12.48 14.38
N PRO B 49 26.01 13.23 13.89
CA PRO B 49 25.88 13.99 12.67
C PRO B 49 25.67 13.15 11.40
N SER B 50 26.25 11.96 11.36
CA SER B 50 26.19 11.06 10.19
C SER B 50 24.83 10.41 9.93
N PRO B 51 24.46 10.28 8.64
CA PRO B 51 23.23 9.62 8.17
C PRO B 51 22.99 8.12 8.41
N ARG B 52 24.02 7.25 8.45
CA ARG B 52 23.93 5.77 8.67
C ARG B 52 22.76 5.09 7.91
N ALA B 53 21.83 4.42 8.60
CA ALA B 53 20.68 3.69 8.02
C ALA B 53 19.63 4.64 7.43
N VAL B 54 18.89 4.22 6.41
CA VAL B 54 17.93 5.19 5.82
C VAL B 54 16.54 4.61 5.54
N ALA B 55 16.38 3.30 5.46
CA ALA B 55 15.12 2.76 4.92
C ALA B 55 14.13 2.22 5.93
N TYR B 56 12.87 2.57 5.76
CA TYR B 56 11.77 2.11 6.61
C TYR B 56 10.72 1.36 5.80
N MET B 57 10.55 0.09 6.14
CA MET B 57 9.53 -0.79 5.51
C MET B 57 8.15 -0.55 6.14
N PRO B 58 7.13 -1.07 5.49
CA PRO B 58 5.78 -0.89 5.99
C PRO B 58 5.49 -1.20 7.44
N PRO B 59 5.99 -2.31 7.97
CA PRO B 59 5.71 -2.59 9.37
C PRO B 59 6.42 -1.62 10.28
N THR B 60 7.59 -1.16 9.86
CA THR B 60 8.28 -0.17 10.62
C THR B 60 7.55 1.21 10.57
N ALA B 61 7.00 1.55 9.42
CA ALA B 61 6.21 2.79 9.28
C ALA B 61 4.97 2.71 10.16
N ALA B 62 4.28 1.58 10.12
CA ALA B 62 3.17 1.34 11.05
C ALA B 62 3.58 1.62 12.51
N ALA B 63 4.74 1.11 12.91
CA ALA B 63 5.24 1.30 14.27
C ALA B 63 5.51 2.77 14.57
N LEU B 64 6.09 3.48 13.62
CA LEU B 64 6.34 4.89 13.77
C LEU B 64 5.02 5.67 13.92
N ASP B 65 3.96 5.22 13.25
CA ASP B 65 2.64 5.83 13.43
C ASP B 65 2.14 5.60 14.88
N ARG B 66 2.30 4.41 15.43
CA ARG B 66 1.90 4.22 16.83
C ARG B 66 2.75 5.04 17.80
N PHE B 67 4.01 5.29 17.48
CA PHE B 67 4.84 6.23 18.28
C PHE B 67 4.41 7.71 18.12
N GLY B 68 3.49 8.01 17.21
CA GLY B 68 3.10 9.41 16.88
C GLY B 68 4.13 10.19 16.05
N LEU B 69 5.02 9.49 15.36
CA LEU B 69 6.15 10.12 14.66
C LEU B 69 6.05 10.17 13.13
N LEU B 70 5.11 9.41 12.57
CA LEU B 70 5.03 9.23 11.11
C LEU B 70 4.73 10.53 10.36
N ASP B 71 3.83 11.36 10.86
CA ASP B 71 3.49 12.60 10.13
C ASP B 71 4.73 13.47 9.96
N ASP B 72 5.50 13.63 11.03
CA ASP B 72 6.74 14.45 10.99
C ASP B 72 7.77 13.81 10.06
N ILE B 73 7.89 12.48 10.10
CA ILE B 73 8.86 11.76 9.23
C ILE B 73 8.45 11.81 7.77
N ARG B 74 7.17 11.66 7.49
CA ARG B 74 6.65 11.64 6.11
C ARG B 74 6.90 12.98 5.42
N LYS B 75 6.79 14.08 6.15
CA LYS B 75 7.02 15.43 5.62
C LYS B 75 8.45 15.56 5.12
N ARG B 76 9.43 14.97 5.81
CA ARG B 76 10.83 15.11 5.38
C ARG B 76 11.34 13.92 4.58
N ALA B 77 10.68 12.78 4.62
CA ALA B 77 11.22 11.57 3.97
C ALA B 77 11.08 11.57 2.46
N VAL B 78 11.92 10.76 1.83
CA VAL B 78 11.84 10.57 0.41
C VAL B 78 10.90 9.40 0.20
N TRP B 79 9.81 9.70 -0.46
CA TRP B 79 8.81 8.70 -0.77
C TRP B 79 9.31 7.76 -1.86
N CYS B 80 9.24 6.47 -1.57
CA CYS B 80 9.83 5.48 -2.41
C CYS B 80 8.81 4.35 -2.64
N PRO B 81 8.12 4.39 -3.78
CA PRO B 81 7.07 3.43 -4.11
C PRO B 81 7.61 2.08 -4.56
N ASP B 82 8.84 2.05 -5.04
CA ASP B 82 9.45 0.84 -5.56
C ASP B 82 10.97 0.79 -5.26
N PHE B 83 11.55 -0.41 -5.37
CA PHE B 83 13.00 -0.56 -5.38
C PHE B 83 13.40 -1.46 -6.54
N ALA B 84 14.65 -1.33 -6.98
CA ALA B 84 15.12 -1.98 -8.17
C ALA B 84 16.29 -2.88 -7.92
N TYR B 85 16.34 -4.00 -8.65
CA TYR B 85 17.55 -4.82 -8.77
C TYR B 85 18.17 -4.49 -10.12
N ARG B 86 19.49 -4.30 -10.18
CA ARG B 86 20.18 -3.95 -11.43
C ARG B 86 21.50 -4.66 -11.62
N HIS B 87 21.97 -4.75 -12.86
CA HIS B 87 23.30 -5.30 -13.12
C HIS B 87 24.23 -4.17 -12.91
N GLY B 88 25.51 -4.48 -12.98
CA GLY B 88 26.56 -3.50 -12.71
C GLY B 88 26.57 -2.37 -13.71
N ASN B 89 26.16 -2.67 -14.97
CA ASN B 89 26.02 -1.61 -15.99
C ASN B 89 24.73 -0.77 -15.80
N GLY B 90 24.05 -0.95 -14.66
CA GLY B 90 22.82 -0.20 -14.37
C GLY B 90 21.52 -0.72 -14.98
N GLU B 91 21.60 -1.67 -15.90
CA GLU B 91 20.38 -2.23 -16.51
C GLU B 91 19.49 -2.92 -15.47
N LEU B 92 18.20 -2.77 -15.67
CA LEU B 92 17.21 -3.25 -14.79
C LEU B 92 17.12 -4.77 -14.85
N ILE B 93 17.06 -5.41 -13.69
CA ILE B 93 16.75 -6.83 -13.55
C ILE B 93 15.27 -7.03 -13.15
N ALA B 94 14.86 -6.33 -12.10
CA ALA B 94 13.45 -6.36 -11.65
C ALA B 94 13.15 -5.15 -10.81
N LYS B 95 11.90 -4.72 -10.86
CA LYS B 95 11.43 -3.64 -10.03
C LYS B 95 10.36 -4.25 -9.09
N MET B 96 10.46 -4.03 -7.78
CA MET B 96 9.39 -4.45 -6.85
C MET B 96 8.54 -3.23 -6.47
N ASP B 97 7.21 -3.33 -6.60
CA ASP B 97 6.26 -2.22 -6.32
C ASP B 97 5.47 -2.47 -5.02
N TRP B 98 5.70 -1.59 -4.05
CA TRP B 98 5.09 -1.67 -2.73
C TRP B 98 3.59 -1.51 -2.78
N ALA B 99 3.10 -0.84 -3.82
CA ALA B 99 1.66 -0.66 -4.05
C ALA B 99 0.89 -1.99 -4.16
N VAL B 100 1.52 -3.07 -4.60
CA VAL B 100 0.89 -4.37 -4.61
C VAL B 100 0.42 -4.81 -3.22
N LEU B 101 0.70 -4.01 -2.18
CA LEU B 101 0.30 -4.35 -0.82
C LEU B 101 -0.75 -3.43 -0.36
N ALA B 102 -1.29 -2.63 -1.26
CA ALA B 102 -2.34 -1.68 -0.91
C ALA B 102 -3.58 -2.27 -0.21
N GLN B 103 -3.89 -3.55 -0.43
CA GLN B 103 -4.97 -4.23 0.31
C GLN B 103 -4.51 -4.89 1.60
N ASP B 104 -3.21 -4.95 1.85
CA ASP B 104 -2.69 -5.62 3.03
C ASP B 104 -2.15 -4.71 4.13
N THR B 105 -1.95 -3.44 3.83
CA THR B 105 -1.41 -2.52 4.82
C THR B 105 -1.83 -1.11 4.51
N ASP B 106 -1.92 -0.30 5.56
CA ASP B 106 -2.15 1.14 5.42
C ASP B 106 -0.87 1.86 5.00
N TYR B 107 0.28 1.17 5.03
CA TYR B 107 1.55 1.80 4.66
C TYR B 107 2.25 1.11 3.48
N PRO B 108 1.64 1.11 2.30
CA PRO B 108 2.22 0.43 1.12
C PRO B 108 3.35 1.21 0.42
N TYR B 109 4.45 1.43 1.12
CA TYR B 109 5.55 2.17 0.58
C TYR B 109 6.73 2.01 1.50
N MET B 110 7.87 2.43 1.00
CA MET B 110 9.08 2.58 1.78
C MET B 110 9.32 4.07 1.99
N LEU B 111 9.83 4.40 3.15
CA LEU B 111 10.24 5.75 3.39
C LEU B 111 11.72 5.74 3.64
N LEU B 112 12.41 6.66 2.97
CA LEU B 112 13.82 6.81 3.08
C LEU B 112 14.11 8.12 3.81
N LEU B 113 14.96 8.05 4.81
CA LEU B 113 15.37 9.23 5.53
C LEU B 113 16.45 8.90 6.49
N ALA B 114 17.56 9.56 6.31
CA ALA B 114 18.72 9.45 7.18
C ALA B 114 18.41 9.54 8.66
N GLN B 115 19.13 8.71 9.38
CA GLN B 115 19.05 8.58 10.83
C GLN B 115 19.13 9.87 11.56
N ASN B 116 20.08 10.71 11.21
CA ASN B 116 20.22 11.99 11.92
C ASN B 116 18.90 12.78 11.89
N HIS B 117 18.21 12.80 10.75
CA HIS B 117 16.97 13.55 10.65
C HIS B 117 15.91 12.88 11.52
N VAL B 118 15.88 11.56 11.51
CA VAL B 118 14.93 10.83 12.32
C VAL B 118 15.19 11.11 13.79
N SER B 119 16.45 10.98 14.20
CA SER B 119 16.82 11.23 15.58
C SER B 119 16.47 12.65 16.03
N ASN B 120 16.70 13.65 15.20
CA ASN B 120 16.30 15.00 15.54
C ASN B 120 14.80 15.10 15.73
N VAL B 121 14.02 14.43 14.88
CA VAL B 121 12.58 14.44 15.04
C VAL B 121 12.23 13.84 16.41
N ILE B 122 12.90 12.76 16.78
CA ILE B 122 12.59 12.07 18.02
C ILE B 122 12.96 12.94 19.20
N VAL B 123 14.10 13.59 19.14
CA VAL B 123 14.46 14.52 20.20
C VAL B 123 13.43 15.65 20.41
N GLU B 124 12.93 16.27 19.33
CA GLU B 124 11.85 17.27 19.44
C GLU B 124 10.64 16.75 20.20
N HIS B 125 10.24 15.51 19.97
CA HIS B 125 9.09 14.98 20.69
C HIS B 125 9.44 14.71 22.14
N LEU B 126 10.66 14.29 22.43
CA LEU B 126 11.07 14.02 23.80
C LEU B 126 11.14 15.31 24.59
N ARG B 127 11.54 16.39 23.94
CA ARG B 127 11.57 17.70 24.59
C ARG B 127 10.27 18.15 25.23
N LYS B 128 9.15 17.67 24.75
CA LYS B 128 7.88 18.13 25.29
C LYS B 128 7.43 17.19 26.42
N LEU B 129 8.33 16.32 26.91
CA LEU B 129 8.00 15.42 28.01
C LEU B 129 8.90 15.71 29.17
N PRO B 130 8.40 16.40 30.20
CA PRO B 130 9.25 16.78 31.34
C PRO B 130 9.70 15.56 32.16
N ASN B 131 8.96 14.46 32.11
CA ASN B 131 9.38 13.23 32.80
C ASN B 131 10.57 12.50 32.13
N VAL B 132 11.05 13.03 31.01
CA VAL B 132 12.21 12.46 30.32
C VAL B 132 13.36 13.45 30.32
N GLU B 133 14.56 12.96 30.57
CA GLU B 133 15.71 13.84 30.60
C GLU B 133 16.80 13.17 29.80
N ILE B 134 17.45 13.94 28.93
CA ILE B 134 18.59 13.41 28.18
C ILE B 134 19.88 13.98 28.74
N ARG B 135 20.80 13.12 29.13
CA ARG B 135 22.15 13.52 29.54
C ARG B 135 23.17 13.20 28.47
N TRP B 136 23.46 14.19 27.63
CA TRP B 136 24.49 14.01 26.64
C TRP B 136 25.80 14.09 27.39
N ASN B 137 26.81 13.51 26.80
CA ASN B 137 28.16 13.46 27.36
C ASN B 137 28.27 12.70 28.67
N HIS B 138 27.34 11.78 28.93
CA HIS B 138 27.47 10.81 30.03
C HIS B 138 27.65 9.37 29.51
N LYS B 139 28.84 8.82 29.75
CA LYS B 139 29.20 7.45 29.38
C LYS B 139 29.08 6.53 30.57
N VAL B 140 28.55 5.33 30.35
CA VAL B 140 28.46 4.32 31.38
C VAL B 140 29.76 3.57 31.38
N GLU B 141 30.50 3.71 32.47
CA GLU B 141 31.79 3.03 32.69
C GLU B 141 31.63 1.69 33.42
N GLU B 142 30.71 1.62 34.40
CA GLU B 142 30.52 0.40 35.21
C GLU B 142 29.03 0.14 35.55
N ILE B 143 28.68 -1.14 35.65
CA ILE B 143 27.29 -1.54 35.89
C ILE B 143 27.14 -2.86 36.68
N ASP B 144 26.31 -2.86 37.70
CA ASP B 144 25.89 -4.12 38.30
C ASP B 144 24.56 -3.94 38.99
N GLN B 145 23.97 -5.06 39.39
CA GLN B 145 22.64 -5.03 39.95
C GLN B 145 22.53 -5.83 41.25
N ASP B 146 21.43 -5.57 41.96
CA ASP B 146 21.00 -6.39 43.08
C ASP B 146 19.53 -6.71 42.79
N ASP B 147 18.80 -7.16 43.79
CA ASP B 147 17.40 -7.62 43.63
C ASP B 147 16.42 -6.52 43.24
N ASP B 148 16.70 -5.28 43.65
CA ASP B 148 15.80 -4.14 43.48
C ASP B 148 16.27 -3.01 42.52
N TYR B 149 17.59 -2.84 42.35
CA TYR B 149 18.13 -1.73 41.56
C TYR B 149 19.30 -2.17 40.74
N VAL B 150 19.51 -1.48 39.63
CA VAL B 150 20.74 -1.55 38.87
C VAL B 150 21.56 -0.34 39.26
N THR B 151 22.82 -0.54 39.61
CA THR B 151 23.71 0.56 39.95
C THR B 151 24.72 0.85 38.80
N MET B 152 24.98 2.13 38.54
CA MET B 152 25.89 2.53 37.44
C MET B 152 26.89 3.60 37.82
N GLU B 153 28.13 3.45 37.34
CA GLU B 153 29.12 4.54 37.39
C GLU B 153 29.19 5.22 36.02
N THR B 154 29.13 6.55 36.05
CA THR B 154 29.08 7.35 34.83
C THR B 154 30.19 8.41 34.83
N SER B 155 30.74 8.67 33.66
CA SER B 155 31.71 9.76 33.50
C SER B 155 31.07 10.78 32.60
N GLY B 156 31.23 12.05 32.96
CA GLY B 156 30.59 13.16 32.31
C GLY B 156 31.58 14.30 32.25
N PRO B 157 31.14 15.47 31.78
CA PRO B 157 32.03 16.62 31.76
C PRO B 157 32.42 17.08 33.19
N ALA B 158 31.58 16.75 34.18
CA ALA B 158 31.88 17.05 35.58
C ALA B 158 32.85 16.05 36.25
N GLY B 159 33.10 14.91 35.61
CA GLY B 159 33.86 13.80 36.22
C GLY B 159 32.97 12.60 36.51
N LYS B 160 33.39 11.74 37.43
CA LYS B 160 32.63 10.52 37.69
C LYS B 160 31.37 10.79 38.50
N ALA B 161 30.36 9.94 38.37
CA ALA B 161 29.21 10.01 39.27
C ALA B 161 28.44 8.68 39.29
N SER B 162 27.50 8.57 40.22
CA SER B 162 26.77 7.31 40.45
C SER B 162 25.24 7.43 40.30
N LEU B 163 24.64 6.35 39.83
CA LEU B 163 23.23 6.33 39.46
C LEU B 163 22.61 4.96 39.71
N ARG B 164 21.38 4.89 40.20
CA ARG B 164 20.66 3.61 40.26
C ARG B 164 19.25 3.71 39.71
N ALA B 165 18.76 2.59 39.17
CA ALA B 165 17.44 2.57 38.54
C ALA B 165 16.73 1.22 38.68
N LYS B 166 15.40 1.24 38.61
CA LYS B 166 14.62 0.01 38.70
C LYS B 166 14.91 -0.87 37.54
N TRP B 167 15.11 -0.27 36.37
CA TRP B 167 15.27 -1.01 35.12
C TRP B 167 16.25 -0.29 34.20
N VAL B 168 17.07 -1.05 33.48
CA VAL B 168 17.96 -0.49 32.49
C VAL B 168 17.81 -1.14 31.12
N ALA B 169 17.57 -0.30 30.14
CA ALA B 169 17.51 -0.72 28.74
C ALA B 169 18.78 -0.25 28.07
N ALA B 170 19.60 -1.23 27.74
CA ALA B 170 20.89 -1.01 27.08
C ALA B 170 20.71 -1.09 25.58
N THR B 171 20.91 0.03 24.91
CA THR B 171 20.87 0.14 23.44
C THR B 171 22.11 0.97 23.10
N ASP B 172 23.29 0.47 23.47
CA ASP B 172 24.55 1.23 23.27
C ASP B 172 25.32 0.73 22.05
N GLY B 173 24.64 0.06 21.14
CA GLY B 173 25.23 -0.33 19.85
C GLY B 173 25.94 -1.66 19.81
N ALA B 174 26.59 -1.94 18.69
CA ALA B 174 27.33 -3.19 18.46
C ALA B 174 28.58 -3.27 19.35
N ARG B 175 29.15 -2.16 19.77
CA ARG B 175 30.38 -2.17 20.60
C ARG B 175 30.00 -1.92 22.06
N SER B 176 28.75 -2.20 22.40
CA SER B 176 28.21 -1.85 23.73
C SER B 176 29.02 -2.43 24.88
N THR B 177 29.36 -1.57 25.83
CA THR B 177 30.09 -1.92 27.07
C THR B 177 29.17 -2.64 28.05
N VAL B 178 27.89 -2.28 28.08
CA VAL B 178 26.93 -2.88 29.01
C VAL B 178 26.79 -4.37 28.67
N ARG B 179 26.61 -4.68 27.40
CA ARG B 179 26.53 -6.09 27.00
C ARG B 179 27.64 -6.87 27.66
N GLY B 180 28.88 -6.42 27.45
CA GLY B 180 30.04 -7.13 27.95
C GLY B 180 30.09 -7.22 29.47
N LYS B 181 29.89 -6.09 30.13
CA LYS B 181 29.97 -6.00 31.57
C LYS B 181 28.86 -6.71 32.35
N ILE B 182 27.76 -7.12 31.72
CA ILE B 182 26.82 -8.07 32.38
C ILE B 182 27.09 -9.52 31.91
N GLY B 183 28.24 -9.76 31.28
CA GLY B 183 28.74 -11.10 30.94
C GLY B 183 28.06 -11.82 29.79
N LEU B 184 27.41 -11.09 28.90
CA LEU B 184 26.94 -11.68 27.65
C LEU B 184 27.97 -11.45 26.62
N THR B 185 27.91 -12.31 25.63
CA THR B 185 28.87 -12.33 24.53
C THR B 185 28.10 -12.18 23.20
N PHE B 186 28.84 -11.80 22.17
CA PHE B 186 28.24 -11.45 20.89
C PHE B 186 28.56 -12.46 19.80
N ASP B 187 27.71 -13.47 19.70
CA ASP B 187 28.09 -14.67 18.97
C ASP B 187 27.66 -14.62 17.50
N GLY B 188 28.52 -15.09 16.63
CA GLY B 188 28.21 -15.19 15.22
C GLY B 188 29.46 -14.97 14.42
N ILE B 189 29.30 -14.52 13.18
CA ILE B 189 30.42 -14.37 12.22
C ILE B 189 30.66 -12.92 11.79
N THR B 190 31.81 -12.73 11.17
CA THR B 190 32.15 -11.41 10.58
C THR B 190 32.40 -11.66 9.10
N TRP B 191 31.76 -10.88 8.22
CA TRP B 191 31.96 -11.02 6.77
C TRP B 191 33.39 -10.62 6.43
N SER B 192 34.02 -11.34 5.51
CA SER B 192 35.39 -10.99 5.08
C SER B 192 35.41 -9.68 4.32
N GLU B 193 34.41 -9.45 3.46
CA GLU B 193 34.37 -8.21 2.65
C GLU B 193 34.23 -6.98 3.55
N ARG B 194 34.85 -5.89 3.15
CA ARG B 194 34.74 -4.62 3.87
C ARG B 194 33.83 -3.70 3.05
N LEU B 195 32.90 -3.01 3.68
CA LEU B 195 32.12 -2.09 2.84
C LEU B 195 32.45 -0.65 3.17
N VAL B 196 32.33 0.21 2.17
CA VAL B 196 32.56 1.66 2.31
C VAL B 196 31.19 2.30 2.14
N ALA B 197 30.74 3.03 3.14
CA ALA B 197 29.45 3.73 3.04
C ALA B 197 29.78 5.16 2.67
N THR B 198 29.23 5.67 1.58
CA THR B 198 29.56 7.06 1.20
C THR B 198 28.28 7.84 0.96
N ASN B 199 28.31 9.13 1.27
CA ASN B 199 27.20 10.01 0.97
C ASN B 199 27.64 10.93 -0.14
N VAL B 200 26.85 10.93 -1.21
CA VAL B 200 27.24 11.59 -2.44
C VAL B 200 26.11 12.48 -3.00
N PHE B 201 26.50 13.69 -3.37
CA PHE B 201 25.66 14.51 -4.19
C PHE B 201 25.91 14.12 -5.59
N TYR B 202 25.00 13.35 -6.16
CA TYR B 202 24.98 13.06 -7.60
C TYR B 202 23.52 12.72 -8.00
N ASP B 203 23.09 13.20 -9.15
CA ASP B 203 21.67 13.02 -9.55
C ASP B 203 21.46 11.64 -10.16
N PHE B 204 21.24 10.63 -9.34
CA PHE B 204 21.08 9.23 -9.79
C PHE B 204 19.80 9.07 -10.58
N SER B 205 18.75 9.72 -10.09
CA SER B 205 17.37 9.74 -10.64
C SER B 205 17.33 10.30 -12.07
N LEU B 206 18.21 11.23 -12.40
CA LEU B 206 18.30 11.79 -13.77
C LEU B 206 18.84 10.73 -14.75
N HIS B 207 19.62 9.76 -14.26
CA HIS B 207 20.18 8.66 -15.07
C HIS B 207 19.29 7.43 -15.05
N GLY B 208 18.07 7.51 -14.53
CA GLY B 208 17.18 6.35 -14.61
C GLY B 208 17.13 5.46 -13.38
N TYR B 209 17.87 5.76 -12.33
CA TYR B 209 17.80 4.93 -11.13
C TYR B 209 16.54 5.22 -10.35
N SER B 210 16.09 4.21 -9.61
CA SER B 210 15.02 4.40 -8.62
C SER B 210 15.60 5.03 -7.37
N ARG B 211 14.76 5.21 -6.38
CA ARG B 211 15.19 5.76 -5.10
C ARG B 211 15.93 4.79 -4.22
N ALA B 212 15.76 3.50 -4.49
CA ALA B 212 16.53 2.50 -3.85
C ALA B 212 16.88 1.46 -4.85
N ASN B 213 18.15 1.08 -4.92
CA ASN B 213 18.69 0.16 -5.93
C ASN B 213 19.67 -0.83 -5.34
N PHE B 214 19.51 -2.10 -5.68
CA PHE B 214 20.50 -3.08 -5.32
C PHE B 214 21.19 -3.44 -6.58
N VAL B 215 22.51 -3.23 -6.61
CA VAL B 215 23.34 -3.56 -7.77
C VAL B 215 24.06 -4.88 -7.54
N HIS B 216 23.84 -5.84 -8.46
CA HIS B 216 24.35 -7.21 -8.34
C HIS B 216 25.47 -7.42 -9.31
N ASP B 217 26.66 -7.64 -8.77
CA ASP B 217 27.86 -7.81 -9.55
C ASP B 217 28.88 -8.43 -8.61
N PRO B 218 29.75 -9.30 -9.12
CA PRO B 218 30.75 -9.97 -8.23
C PRO B 218 31.79 -9.01 -7.64
N VAL B 219 32.09 -7.92 -8.33
CA VAL B 219 33.08 -6.94 -7.86
C VAL B 219 32.42 -5.62 -7.46
N ASP B 220 31.67 -5.05 -8.40
CA ASP B 220 31.02 -3.73 -8.27
C ASP B 220 29.56 -3.81 -7.86
N TRP B 221 29.26 -4.67 -6.90
CA TRP B 221 27.96 -4.64 -6.25
C TRP B 221 27.85 -3.36 -5.39
N ALA B 222 26.62 -2.93 -5.09
CA ALA B 222 26.43 -1.73 -4.32
C ALA B 222 25.02 -1.54 -3.91
N VAL B 223 24.82 -0.74 -2.87
CA VAL B 223 23.48 -0.23 -2.55
C VAL B 223 23.50 1.24 -2.84
N VAL B 224 22.48 1.71 -3.56
CA VAL B 224 22.39 3.09 -3.93
C VAL B 224 21.01 3.52 -3.55
N VAL B 225 20.93 4.36 -2.53
CA VAL B 225 19.62 4.77 -1.99
C VAL B 225 19.66 6.25 -1.61
N GLN B 226 18.59 6.98 -1.88
CA GLN B 226 18.55 8.42 -1.54
C GLN B 226 18.48 8.58 -0.03
N LEU B 227 19.18 9.56 0.49
CA LEU B 227 19.24 9.81 1.95
C LEU B 227 18.25 10.89 2.37
N ASP B 228 18.12 11.98 1.61
CA ASP B 228 17.18 13.05 2.02
C ASP B 228 16.75 13.87 0.81
N LYS B 229 15.99 14.92 1.05
CA LYS B 229 15.40 15.79 0.00
C LYS B 229 16.40 16.82 -0.53
N THR B 230 17.60 16.88 0.03
CA THR B 230 18.64 17.78 -0.51
C THR B 230 19.26 17.14 -1.75
N GLY B 231 19.14 15.83 -1.90
CA GLY B 231 19.66 15.15 -3.08
C GLY B 231 20.93 14.41 -2.77
N LEU B 232 21.17 14.19 -1.49
CA LEU B 232 22.33 13.42 -1.02
C LEU B 232 22.00 11.94 -1.14
N TRP B 233 22.91 11.13 -1.64
CA TRP B 233 22.62 9.69 -1.82
C TRP B 233 23.64 8.85 -1.08
N ARG B 234 23.22 7.69 -0.60
CA ARG B 234 24.11 6.74 -0.04
C ARG B 234 24.51 5.70 -1.10
N VAL B 235 25.82 5.49 -1.24
CA VAL B 235 26.36 4.47 -2.08
C VAL B 235 27.21 3.59 -1.18
N CYS B 236 26.83 2.33 -0.97
CA CYS B 236 27.67 1.39 -0.23
C CYS B 236 28.23 0.40 -1.23
N TYR B 237 29.53 0.14 -1.11
CA TYR B 237 30.21 -0.81 -1.99
C TYR B 237 31.37 -1.49 -1.26
N GLY B 238 31.88 -2.52 -1.88
CA GLY B 238 32.91 -3.34 -1.25
C GLY B 238 34.27 -2.95 -1.74
N GLU B 239 35.21 -2.98 -0.84
CA GLU B 239 36.58 -2.73 -1.22
C GLU B 239 37.48 -3.79 -0.53
N ASP B 240 38.68 -3.98 -1.07
CA ASP B 240 39.71 -4.82 -0.47
C ASP B 240 39.90 -4.55 1.04
N PRO B 241 39.79 -5.58 1.90
CA PRO B 241 39.83 -5.33 3.35
C PRO B 241 41.22 -5.02 3.94
N ASP B 242 42.30 -5.24 3.19
CA ASP B 242 43.67 -5.06 3.69
C ASP B 242 44.23 -3.61 3.62
N ILE B 243 43.66 -2.78 2.75
CA ILE B 243 44.26 -1.45 2.46
C ILE B 243 43.85 -0.35 3.45
N SER B 244 44.64 0.72 3.52
CA SER B 244 44.38 1.84 4.43
C SER B 244 43.21 2.71 3.99
N GLU B 245 42.65 3.48 4.91
CA GLU B 245 41.59 4.41 4.56
C GLU B 245 42.07 5.36 3.46
N ALA B 246 43.35 5.72 3.46
CA ALA B 246 43.88 6.64 2.45
C ALA B 246 43.81 6.03 1.05
N GLU B 247 44.14 4.75 0.94
CA GLU B 247 44.05 4.04 -0.35
C GLU B 247 42.59 3.81 -0.80
N VAL B 248 41.68 3.63 0.14
CA VAL B 248 40.26 3.57 -0.18
C VAL B 248 39.79 4.84 -0.89
N ARG B 249 40.08 5.99 -0.29
CA ARG B 249 39.79 7.32 -0.92
C ARG B 249 40.50 7.55 -2.25
N ARG B 250 41.72 7.09 -2.38
CA ARG B 250 42.42 7.20 -3.66
C ARG B 250 41.78 6.33 -4.75
N ARG B 251 41.18 5.21 -4.37
CA ARG B 251 40.57 4.34 -5.36
C ARG B 251 39.16 4.72 -5.76
N LEU B 252 38.49 5.51 -4.94
CA LEU B 252 37.12 5.88 -5.21
C LEU B 252 36.82 6.47 -6.60
N PRO B 253 37.66 7.39 -7.10
CA PRO B 253 37.30 7.98 -8.39
C PRO B 253 37.12 6.96 -9.42
N GLU B 254 38.03 6.01 -9.48
CA GLU B 254 37.98 4.94 -10.47
C GLU B 254 36.81 4.01 -10.22
N ARG B 255 36.52 3.73 -8.96
CA ARG B 255 35.34 2.97 -8.64
C ARG B 255 34.07 3.65 -9.10
N PHE B 256 33.97 4.96 -8.92
CA PHE B 256 32.75 5.66 -9.25
C PHE B 256 32.49 5.76 -10.74
N LYS B 257 33.55 5.66 -11.54
CA LYS B 257 33.34 5.56 -12.98
C LYS B 257 32.38 4.42 -13.32
N ARG B 258 32.32 3.39 -12.46
CA ARG B 258 31.44 2.26 -12.68
C ARG B 258 30.17 2.26 -11.86
N LEU B 259 30.30 2.72 -10.62
CA LEU B 259 29.17 2.70 -9.67
C LEU B 259 28.13 3.77 -10.00
N LEU B 260 28.55 4.89 -10.56
CA LEU B 260 27.60 5.98 -10.86
C LEU B 260 27.25 5.93 -12.34
N PRO B 261 25.97 5.92 -12.71
CA PRO B 261 25.57 5.91 -14.10
C PRO B 261 26.07 7.15 -14.83
N GLY B 262 26.51 6.99 -16.07
CA GLY B 262 26.99 8.14 -16.84
C GLY B 262 28.50 8.28 -16.78
N ALA B 263 29.17 7.38 -16.07
CA ALA B 263 30.65 7.36 -15.94
C ALA B 263 31.20 8.75 -15.63
N PRO B 264 30.84 9.36 -14.51
CA PRO B 264 31.31 10.70 -14.20
C PRO B 264 32.75 10.81 -13.70
N THR B 265 33.31 11.99 -13.90
CA THR B 265 34.65 12.35 -13.40
C THR B 265 34.48 13.01 -12.04
N PRO B 266 35.52 13.11 -11.21
CA PRO B 266 35.41 13.66 -9.87
C PRO B 266 34.63 14.97 -9.72
N ASP B 267 34.69 15.85 -10.71
CA ASP B 267 34.05 17.13 -10.63
C ASP B 267 32.54 17.09 -10.97
N GLN B 268 32.03 15.96 -11.43
CA GLN B 268 30.57 15.85 -11.64
C GLN B 268 29.79 15.36 -10.41
N TYR B 269 30.46 15.02 -9.32
CA TYR B 269 29.74 14.62 -8.10
C TYR B 269 30.47 15.20 -6.92
N ARG B 270 29.86 15.16 -5.77
CA ARG B 270 30.60 15.52 -4.55
C ARG B 270 30.40 14.51 -3.44
N VAL B 271 31.51 14.08 -2.90
CA VAL B 271 31.54 13.11 -1.82
C VAL B 271 31.51 13.86 -0.53
N ASP B 272 30.44 13.70 0.23
CA ASP B 272 30.22 14.46 1.46
C ASP B 272 30.73 13.71 2.70
N TYR B 273 30.74 12.38 2.62
CA TYR B 273 31.11 11.54 3.73
C TYR B 273 31.65 10.24 3.21
N LEU B 274 32.68 9.72 3.83
CA LEU B 274 33.18 8.43 3.46
C LEU B 274 33.65 7.64 4.67
N ASN B 275 33.22 6.40 4.79
CA ASN B 275 33.62 5.59 5.93
C ASN B 275 33.66 4.07 5.68
N PRO B 276 34.85 3.42 5.81
CA PRO B 276 34.91 1.95 5.71
C PRO B 276 34.47 1.22 6.98
N TYR B 277 33.74 0.11 6.85
CA TYR B 277 33.20 -0.67 7.96
C TYR B 277 33.40 -2.15 7.70
N ARG B 278 33.22 -2.90 8.78
CA ARG B 278 33.27 -4.36 8.79
C ARG B 278 31.91 -4.69 9.26
N VAL B 279 31.29 -5.72 8.68
CA VAL B 279 29.89 -6.06 9.05
C VAL B 279 29.78 -7.46 9.61
N HIS B 280 28.73 -7.72 10.38
CA HIS B 280 28.59 -9.03 11.07
C HIS B 280 27.17 -9.55 11.01
N GLN B 281 27.00 -10.75 11.56
CA GLN B 281 25.72 -11.41 11.84
C GLN B 281 25.90 -11.90 13.27
N ARG B 282 25.87 -11.01 14.25
CA ARG B 282 26.12 -11.45 15.63
C ARG B 282 24.86 -11.31 16.46
N CYS B 283 24.83 -11.99 17.60
CA CYS B 283 23.59 -11.97 18.40
C CYS B 283 23.85 -12.40 19.83
N ALA B 284 23.33 -11.65 20.78
CA ALA B 284 23.37 -12.05 22.21
C ALA B 284 22.60 -13.35 22.42
N ALA B 285 23.13 -14.22 23.29
CA ALA B 285 22.44 -15.46 23.72
C ALA B 285 21.09 -15.23 24.42
N GLU B 286 21.01 -14.19 25.24
CA GLU B 286 19.73 -13.82 25.82
C GLU B 286 19.72 -12.33 25.73
N PHE B 287 18.55 -11.75 25.65
CA PHE B 287 18.47 -10.30 25.63
C PHE B 287 18.19 -9.66 27.00
N ARG B 288 17.97 -10.44 28.06
CA ARG B 288 17.90 -9.87 29.40
C ARG B 288 18.70 -10.61 30.46
N ARG B 289 19.25 -9.85 31.38
CA ARG B 289 19.89 -10.39 32.55
C ARG B 289 19.33 -9.61 33.71
N GLY B 290 18.39 -10.21 34.42
CA GLY B 290 17.80 -9.52 35.54
C GLY B 290 17.09 -8.25 35.12
N ARG B 291 17.54 -7.11 35.64
CA ARG B 291 16.93 -5.81 35.38
C ARG B 291 17.57 -5.04 34.20
N VAL B 292 18.56 -5.65 33.53
CA VAL B 292 19.17 -5.07 32.34
C VAL B 292 18.65 -5.76 31.09
N ILE B 293 18.12 -4.98 30.15
CA ILE B 293 17.57 -5.54 28.90
C ILE B 293 18.22 -4.86 27.70
N LEU B 294 18.59 -5.67 26.71
CA LEU B 294 19.24 -5.21 25.50
C LEU B 294 18.23 -5.03 24.39
N ALA B 295 18.49 -4.05 23.53
CA ALA B 295 17.70 -3.88 22.33
C ALA B 295 18.55 -3.25 21.26
N GLY B 296 18.10 -3.37 20.02
CA GLY B 296 18.79 -2.80 18.88
C GLY B 296 20.15 -3.41 18.77
N ASP B 297 21.09 -2.64 18.30
CA ASP B 297 22.40 -3.17 18.01
C ASP B 297 23.17 -3.68 19.23
N ALA B 298 22.81 -3.31 20.45
CA ALA B 298 23.43 -3.95 21.61
C ALA B 298 23.09 -5.45 21.56
N ALA B 299 21.90 -5.79 21.11
CA ALA B 299 21.41 -7.16 21.13
C ALA B 299 21.77 -7.99 19.91
N HIS B 300 21.85 -7.37 18.74
CA HIS B 300 22.15 -8.07 17.51
C HIS B 300 22.54 -7.13 16.40
N ALA B 301 23.34 -7.66 15.48
CA ALA B 301 23.84 -6.89 14.33
C ALA B 301 23.80 -7.73 13.07
N THR B 302 23.61 -7.09 11.94
CA THR B 302 23.54 -7.80 10.65
C THR B 302 24.24 -6.96 9.58
N ASN B 303 24.31 -7.47 8.35
CA ASN B 303 24.92 -6.68 7.28
C ASN B 303 23.85 -5.71 6.79
N PRO B 304 24.18 -4.48 6.40
CA PRO B 304 23.17 -3.56 5.93
C PRO B 304 22.76 -3.82 4.48
N MET B 305 23.65 -4.36 3.65
CA MET B 305 23.38 -4.63 2.20
C MET B 305 22.07 -5.37 2.09
N GLY B 306 22.09 -6.60 2.57
CA GLY B 306 20.86 -7.40 2.55
C GLY B 306 19.90 -6.85 3.58
N GLY B 307 20.42 -6.36 4.70
CA GLY B 307 19.64 -5.84 5.85
C GLY B 307 19.01 -4.47 5.66
N LEU B 308 19.08 -3.90 4.46
CA LEU B 308 18.44 -2.62 4.16
C LEU B 308 17.00 -2.77 4.59
N GLY B 309 16.62 -2.00 5.61
CA GLY B 309 15.26 -2.01 6.17
C GLY B 309 15.11 -3.05 7.25
N LEU B 310 16.20 -3.78 7.55
CA LEU B 310 16.15 -4.83 8.58
C LEU B 310 16.75 -4.31 9.88
N SER B 311 16.56 -3.00 10.09
CA SER B 311 16.76 -2.38 11.41
C SER B 311 16.33 -3.43 12.43
N GLY B 312 15.03 -3.71 12.47
CA GLY B 312 14.43 -4.42 13.57
C GLY B 312 14.45 -3.59 14.85
N GLY B 313 15.35 -2.60 14.90
CA GLY B 313 15.50 -1.72 16.03
C GLY B 313 14.20 -1.09 16.43
N VAL B 314 13.42 -0.60 15.47
CA VAL B 314 12.22 0.10 15.79
C VAL B 314 11.22 -0.81 16.49
N LEU B 315 11.07 -2.03 16.03
CA LEU B 315 10.08 -2.91 16.63
C LEU B 315 10.61 -3.54 17.92
N ASP B 316 11.92 -3.75 18.02
CA ASP B 316 12.56 -4.03 19.30
C ASP B 316 12.11 -2.97 20.34
N ALA B 317 12.35 -1.70 20.02
CA ALA B 317 12.08 -0.60 20.96
C ALA B 317 10.65 -0.55 21.36
N GLU B 318 9.73 -0.86 20.43
CA GLU B 318 8.32 -0.77 20.71
C GLU B 318 7.92 -1.83 21.72
N HIS B 319 8.40 -3.05 21.50
CA HIS B 319 8.06 -4.18 22.33
C HIS B 319 8.68 -4.01 23.71
N LEU B 320 9.95 -3.66 23.75
CA LEU B 320 10.63 -3.44 25.02
C LEU B 320 9.91 -2.41 25.89
N ALA B 321 9.61 -1.25 25.33
CA ALA B 321 8.88 -0.25 26.10
C ALA B 321 7.50 -0.73 26.48
N GLU B 322 6.83 -1.50 25.63
CA GLU B 322 5.48 -1.99 25.97
C GLU B 322 5.55 -2.90 27.21
N ALA B 323 6.57 -3.78 27.21
CA ALA B 323 6.78 -4.72 28.30
C ALA B 323 7.15 -3.99 29.60
N LEU B 324 8.05 -3.02 29.54
CA LEU B 324 8.41 -2.26 30.74
C LEU B 324 7.26 -1.43 31.29
N ILE B 325 6.40 -0.92 30.43
CA ILE B 325 5.24 -0.19 30.91
C ILE B 325 4.33 -1.10 31.70
N ALA B 326 4.22 -2.33 31.23
CA ALA B 326 3.32 -3.30 31.79
C ALA B 326 3.77 -3.64 33.22
N VAL B 327 5.07 -3.81 33.38
CA VAL B 327 5.65 -4.12 34.65
C VAL B 327 5.50 -2.96 35.61
N ILE B 328 5.89 -1.78 35.16
CA ILE B 328 6.03 -0.62 36.02
C ILE B 328 4.71 0.03 36.32
N LYS B 329 3.87 0.19 35.31
CA LYS B 329 2.63 0.94 35.48
C LYS B 329 1.45 0.05 35.74
N GLU B 330 1.55 -1.23 35.35
CA GLU B 330 0.39 -2.12 35.34
C GLU B 330 0.59 -3.36 36.25
N GLY B 331 1.64 -3.38 37.06
CA GLY B 331 1.95 -4.51 37.93
C GLY B 331 2.14 -5.89 37.30
N ALA B 332 2.36 -5.97 35.99
CA ALA B 332 2.46 -7.29 35.38
C ALA B 332 3.71 -7.96 35.89
N SER B 333 3.80 -9.28 35.71
CA SER B 333 5.00 -9.97 36.13
C SER B 333 6.04 -9.80 35.05
N THR B 334 7.27 -10.17 35.39
CA THR B 334 8.38 -9.96 34.52
C THR B 334 8.43 -11.06 33.44
N LYS B 335 7.44 -11.94 33.40
CA LYS B 335 7.28 -12.86 32.28
C LYS B 335 7.16 -12.11 30.92
N VAL B 336 6.55 -10.93 30.92
CA VAL B 336 6.48 -10.13 29.72
C VAL B 336 7.84 -9.69 29.20
N LEU B 337 8.80 -9.48 30.10
CA LEU B 337 10.15 -9.17 29.69
C LEU B 337 10.86 -10.33 29.07
N ASP B 338 10.48 -11.52 29.50
CA ASP B 338 11.05 -12.75 28.93
C ASP B 338 10.44 -13.08 27.59
N GLU B 339 9.15 -12.78 27.42
CA GLU B 339 8.50 -12.94 26.12
C GLU B 339 9.17 -11.95 25.11
N TYR B 340 9.52 -10.75 25.57
CA TYR B 340 10.21 -9.79 24.75
C TYR B 340 11.52 -10.43 24.22
N SER B 341 12.31 -11.04 25.10
CA SER B 341 13.61 -11.56 24.71
C SER B 341 13.51 -12.72 23.74
N VAL B 342 12.58 -13.61 24.02
CA VAL B 342 12.42 -14.78 23.18
C VAL B 342 11.87 -14.39 21.81
N ASP B 343 10.96 -13.42 21.76
CA ASP B 343 10.28 -13.07 20.53
C ASP B 343 11.22 -12.33 19.56
N ARG B 344 11.98 -11.36 20.07
CA ARG B 344 12.88 -10.55 19.26
C ARG B 344 14.10 -11.33 18.89
N ARG B 345 14.47 -12.31 19.69
CA ARG B 345 15.61 -13.11 19.36
C ARG B 345 15.23 -14.12 18.26
N LYS B 346 13.97 -14.56 18.27
CA LYS B 346 13.45 -15.44 17.22
C LYS B 346 13.37 -14.70 15.87
N VAL B 347 12.96 -13.44 15.92
CA VAL B 347 12.79 -12.66 14.72
C VAL B 347 14.18 -12.52 14.07
N PHE B 348 15.16 -12.17 14.86
CA PHE B 348 16.49 -12.05 14.31
C PHE B 348 17.06 -13.35 13.76
N LEU B 349 16.89 -14.44 14.49
CA LEU B 349 17.53 -15.71 14.10
C LEU B 349 16.87 -16.39 12.96
N GLU B 350 15.55 -16.35 12.91
CA GLU B 350 14.78 -17.07 11.93
C GLU B 350 14.29 -16.22 10.72
N PHE B 351 14.44 -14.90 10.78
CA PHE B 351 14.04 -14.08 9.67
C PHE B 351 15.08 -13.07 9.22
N THR B 352 15.42 -12.17 10.11
CA THR B 352 16.25 -11.00 9.79
C THR B 352 17.66 -11.40 9.38
N SER B 353 18.35 -12.14 10.23
CA SER B 353 19.70 -12.53 9.89
C SER B 353 19.75 -13.35 8.60
N PRO B 354 18.93 -14.41 8.49
CA PRO B 354 18.94 -15.19 7.24
C PRO B 354 18.58 -14.44 5.98
N THR B 355 17.62 -13.55 6.07
CA THR B 355 17.21 -12.80 4.90
C THR B 355 18.34 -11.88 4.44
N ALA B 356 19.00 -11.24 5.39
CA ALA B 356 20.05 -10.31 5.07
C ALA B 356 21.19 -11.02 4.44
N THR B 357 21.42 -12.23 4.93
CA THR B 357 22.56 -13.05 4.51
C THR B 357 22.34 -13.54 3.10
N ALA B 358 21.12 -13.99 2.82
CA ALA B 358 20.73 -14.35 1.48
C ALA B 358 20.84 -13.15 0.51
N ASN B 359 20.33 -12.00 0.90
CA ASN B 359 20.36 -10.84 0.01
C ASN B 359 21.80 -10.46 -0.41
N PHE B 360 22.73 -10.48 0.54
CA PHE B 360 24.12 -10.16 0.29
C PHE B 360 24.81 -11.26 -0.50
N THR B 361 24.45 -12.52 -0.27
CA THR B 361 25.05 -13.59 -1.03
C THR B 361 24.70 -13.50 -2.52
N TRP B 362 23.41 -13.25 -2.80
CA TRP B 362 22.91 -13.08 -4.14
C TRP B 362 23.56 -11.89 -4.84
N MET B 363 23.74 -10.83 -4.07
CA MET B 363 24.30 -9.60 -4.61
C MET B 363 25.73 -9.78 -5.04
N LYS B 364 26.49 -10.60 -4.31
CA LYS B 364 27.90 -10.71 -4.65
C LYS B 364 28.28 -12.02 -5.31
N GLU B 365 27.27 -12.78 -5.74
CA GLU B 365 27.53 -14.04 -6.41
C GLU B 365 28.53 -13.83 -7.56
N SER B 366 29.50 -14.75 -7.69
CA SER B 366 30.50 -14.73 -8.78
C SER B 366 30.46 -15.87 -9.80
N ASP B 367 29.76 -16.97 -9.50
CA ASP B 367 29.63 -18.07 -10.48
C ASP B 367 28.64 -17.66 -11.57
N PRO B 368 29.03 -17.70 -12.85
CA PRO B 368 28.17 -17.27 -13.95
C PRO B 368 26.91 -18.10 -14.15
N ALA B 369 26.98 -19.39 -13.87
CA ALA B 369 25.78 -20.22 -14.02
C ALA B 369 24.79 -19.87 -12.91
N GLN B 370 25.28 -19.65 -11.70
CA GLN B 370 24.41 -19.30 -10.55
C GLN B 370 23.83 -17.89 -10.74
N ARG B 371 24.65 -16.95 -11.19
CA ARG B 371 24.23 -15.55 -11.44
C ARG B 371 23.05 -15.55 -12.41
N ALA B 372 23.08 -16.33 -13.48
CA ALA B 372 21.97 -16.34 -14.43
C ALA B 372 20.72 -16.93 -13.78
N ARG B 373 20.90 -17.94 -12.94
CA ARG B 373 19.76 -18.57 -12.24
C ARG B 373 19.17 -17.58 -11.23
N ASP B 374 20.02 -16.80 -10.56
CA ASP B 374 19.55 -15.78 -9.60
C ASP B 374 18.77 -14.69 -10.34
N ASN B 375 19.27 -14.27 -11.49
CA ASN B 375 18.65 -13.20 -12.29
C ASN B 375 17.27 -13.65 -12.76
N ALA B 376 17.14 -14.92 -13.13
CA ALA B 376 15.84 -15.46 -13.58
C ALA B 376 14.86 -15.43 -12.41
N MET B 377 15.33 -15.72 -11.20
CA MET B 377 14.53 -15.72 -9.96
C MET B 377 14.03 -14.31 -9.63
N PHE B 378 14.85 -13.29 -9.85
CA PHE B 378 14.46 -11.90 -9.57
C PHE B 378 13.57 -11.42 -10.68
N ASP B 379 13.96 -11.75 -11.90
CA ASP B 379 13.14 -11.35 -13.04
C ASP B 379 11.70 -11.85 -12.86
N HIS B 380 11.57 -13.11 -12.45
CA HIS B 380 10.26 -13.78 -12.25
C HIS B 380 9.49 -13.11 -11.12
N ALA B 381 10.14 -12.85 -10.01
CA ALA B 381 9.47 -12.13 -8.90
C ALA B 381 8.97 -10.73 -9.32
N GLY B 382 9.70 -10.11 -10.24
CA GLY B 382 9.30 -8.84 -10.80
C GLY B 382 8.11 -8.87 -11.76
N LYS B 383 7.86 -9.99 -12.41
CA LYS B 383 6.75 -10.08 -13.39
C LYS B 383 5.48 -10.73 -12.88
N ASP B 384 5.59 -11.68 -11.97
CA ASP B 384 4.42 -12.34 -11.42
C ASP B 384 4.03 -11.60 -10.15
N LEU B 385 2.92 -10.87 -10.23
CA LEU B 385 2.52 -9.94 -9.19
C LEU B 385 2.03 -10.61 -7.92
N LYS B 386 1.55 -11.84 -8.05
CA LYS B 386 1.27 -12.66 -6.91
C LYS B 386 2.52 -13.02 -6.09
N VAL B 387 3.62 -13.28 -6.78
CA VAL B 387 4.84 -13.72 -6.14
C VAL B 387 5.53 -12.53 -5.56
N MET B 388 5.47 -11.40 -6.26
CA MET B 388 6.00 -10.15 -5.74
C MET B 388 5.30 -9.85 -4.43
N ARG B 389 3.99 -10.03 -4.43
CA ARG B 389 3.19 -9.84 -3.23
C ARG B 389 3.64 -10.71 -2.09
N GLU B 390 3.90 -11.98 -2.35
CA GLU B 390 4.30 -12.87 -1.26
C GLU B 390 5.61 -12.41 -0.63
N ILE B 391 6.57 -12.01 -1.46
CA ILE B 391 7.91 -11.65 -1.01
C ILE B 391 7.87 -10.39 -0.19
N LEU B 392 7.12 -9.40 -0.67
CA LEU B 392 6.99 -8.13 0.02
C LEU B 392 6.22 -8.24 1.32
N LEU B 393 5.25 -9.16 1.40
CA LEU B 393 4.55 -9.45 2.65
C LEU B 393 5.40 -10.11 3.74
N ASP B 394 6.47 -10.78 3.33
CA ASP B 394 7.34 -11.40 4.28
C ASP B 394 7.95 -10.42 5.27
N PHE B 395 8.08 -9.14 4.91
CA PHE B 395 8.58 -8.17 5.86
C PHE B 395 7.76 -8.10 7.13
N GLU B 396 6.48 -8.47 7.07
CA GLU B 396 5.62 -8.44 8.26
C GLU B 396 6.10 -9.37 9.36
N LYS B 397 7.05 -10.26 9.03
CA LYS B 397 7.70 -11.07 10.01
C LYS B 397 8.62 -10.31 10.93
N LEU B 398 8.93 -9.06 10.62
CA LEU B 398 9.61 -8.19 11.57
C LEU B 398 8.81 -8.01 12.86
N ASN B 399 7.48 -8.11 12.78
CA ASN B 399 6.58 -7.98 13.93
C ASN B 399 6.66 -9.14 14.92
N GLY B 400 7.17 -10.30 14.48
CA GLY B 400 7.18 -11.53 15.30
C GLY B 400 5.77 -12.04 15.61
N ARG B 401 5.61 -12.69 16.75
CA ARG B 401 4.31 -13.27 17.09
C ARG B 401 3.45 -12.39 18.00
N ARG B 402 3.88 -11.16 18.27
CA ARG B 402 3.12 -10.21 19.08
C ARG B 402 1.89 -9.61 18.35
N VAL B 403 0.81 -9.35 19.08
CA VAL B 403 -0.38 -8.67 18.53
C VAL B 403 -0.10 -7.51 17.56
#